data_5UD6
#
_entry.id   5UD6
#
_cell.length_a   81.630
_cell.length_b   74.700
_cell.length_c   97.550
_cell.angle_alpha   90.000
_cell.angle_beta   103.310
_cell.angle_gamma   90.000
#
_symmetry.space_group_name_H-M   'P 1 21 1'
#
loop_
_entity.id
_entity.type
_entity.pdbx_description
1 polymer 'Dihydrodipicolinate synthase'
2 non-polymer 'CALCIUM ION'
3 non-polymer LYSINE
4 water water
#
_entity_poly.entity_id   1
_entity_poly.type   'polypeptide(L)'
_entity_poly.pdbx_seq_one_letter_code
;MGHHHHHHGENLYFQGSAQEVERPKHFFGRVITALVTPFKLTGVEVDYGVAESLAAHLAENGSDAIIVAGTTGESATLTW
SEEYELFRVVKSAVAGTKCRVIAGAGSNSTEEAIEATKKSAKLGLDGTLQVVPYYNKPPQQGIMAHFRAIANAAPDLPMM
LYNIPGRTGINMTAETSIKLAEMCPNIVAL(KPI)EASGNLEQFARIRRATSPDFALYSGDDALTLPLLSLGGNGVVSVA
SHFIGPEIQRMIEHFVDLGNPEEAFRIHCRYMDLFEALFVMANPIPAKAALRLLGWPVGPTRLPLTDITASAEQQLRQAM
IAAGLLSNGSG
;
_entity_poly.pdbx_strand_id   A,B,C,D
#
loop_
_chem_comp.id
_chem_comp.type
_chem_comp.name
_chem_comp.formula
CA non-polymer 'CALCIUM ION' 'Ca 2'
#
# COMPACT_ATOMS: atom_id res chain seq x y z
N LYS A 25 -22.60 -27.64 15.29
CA LYS A 25 -21.79 -28.34 14.23
C LYS A 25 -20.32 -27.87 14.30
N HIS A 26 -20.06 -26.60 14.60
CA HIS A 26 -18.68 -26.14 14.98
C HIS A 26 -18.59 -25.79 16.47
N PHE A 27 -17.46 -26.19 17.05
CA PHE A 27 -17.29 -26.14 18.50
C PHE A 27 -17.50 -24.74 19.08
N PHE A 28 -16.87 -23.76 18.46
CA PHE A 28 -17.02 -22.36 18.89
C PHE A 28 -18.26 -21.62 18.34
N GLY A 29 -19.14 -22.27 17.57
CA GLY A 29 -20.41 -21.63 17.13
C GLY A 29 -20.28 -20.63 15.97
N ARG A 30 -21.20 -19.68 15.93
CA ARG A 30 -21.30 -18.70 14.84
C ARG A 30 -20.88 -17.29 15.22
N VAL A 31 -21.14 -16.89 16.46
CA VAL A 31 -20.80 -15.57 16.96
C VAL A 31 -19.95 -15.74 18.23
N ILE A 32 -18.71 -15.26 18.16
CA ILE A 32 -17.79 -15.25 19.26
C ILE A 32 -17.51 -13.80 19.61
N THR A 33 -17.78 -13.37 20.84
CA THR A 33 -17.55 -12.01 21.24
C THR A 33 -16.16 -11.87 21.83
N ALA A 34 -15.38 -10.93 21.30
CA ALA A 34 -14.09 -10.52 21.90
C ALA A 34 -14.32 -9.59 23.08
N LEU A 35 -14.42 -10.14 24.27
CA LEU A 35 -14.81 -9.42 25.49
C LEU A 35 -13.86 -8.27 25.85
N VAL A 36 -14.41 -7.08 26.12
CA VAL A 36 -13.60 -6.01 26.71
C VAL A 36 -13.26 -6.43 28.14
N THR A 37 -12.18 -5.90 28.65
CA THR A 37 -11.72 -6.13 30.01
C THR A 37 -12.10 -4.89 30.87
N PRO A 38 -13.08 -5.06 31.78
CA PRO A 38 -13.42 -3.93 32.66
C PRO A 38 -12.32 -3.57 33.62
N PHE A 39 -12.05 -2.27 33.79
CA PHE A 39 -11.16 -1.80 34.83
C PHE A 39 -11.94 -0.91 35.76
N LYS A 40 -11.49 -0.79 37.01
CA LYS A 40 -12.01 0.22 37.95
C LYS A 40 -11.59 1.61 37.49
N LEU A 41 -12.21 2.64 38.05
CA LEU A 41 -12.07 4.03 37.65
C LEU A 41 -10.68 4.58 37.31
N THR A 42 -9.68 4.21 38.11
CA THR A 42 -8.29 4.62 37.87
C THR A 42 -7.60 3.83 36.77
N GLY A 43 -8.15 2.69 36.35
CA GLY A 43 -7.48 1.78 35.41
C GLY A 43 -6.55 0.78 36.04
N VAL A 44 -6.24 0.96 37.30
CA VAL A 44 -5.12 0.25 37.94
C VAL A 44 -5.49 -1.23 38.20
N GLU A 45 -6.73 -1.53 38.55
CA GLU A 45 -7.19 -2.87 38.78
C GLU A 45 -8.30 -3.28 37.82
N VAL A 46 -8.38 -4.58 37.60
CA VAL A 46 -9.44 -5.16 36.84
C VAL A 46 -10.67 -5.19 37.73
N ASP A 47 -11.85 -5.03 37.14
CA ASP A 47 -13.10 -5.23 37.85
C ASP A 47 -13.66 -6.60 37.46
N TYR A 48 -13.27 -7.63 38.21
CA TYR A 48 -13.68 -8.99 37.92
C TYR A 48 -15.22 -9.15 38.02
N GLY A 49 -15.86 -8.40 38.93
CA GLY A 49 -17.32 -8.41 39.11
C GLY A 49 -18.06 -7.98 37.84
N VAL A 50 -17.66 -6.85 37.28
CA VAL A 50 -18.26 -6.35 36.03
C VAL A 50 -17.97 -7.34 34.88
N ALA A 51 -16.78 -7.95 34.89
CA ALA A 51 -16.42 -8.99 33.93
C ALA A 51 -17.40 -10.18 33.98
N GLU A 52 -17.74 -10.62 35.19
CA GLU A 52 -18.68 -11.71 35.35
C GLU A 52 -20.03 -11.38 34.77
N SER A 53 -20.62 -10.28 35.22
CA SER A 53 -22.00 -10.00 34.84
C SER A 53 -22.06 -9.66 33.34
N LEU A 54 -21.06 -8.97 32.79
CA LEU A 54 -21.02 -8.70 31.38
C LEU A 54 -20.95 -10.02 30.56
N ALA A 55 -20.12 -10.97 31.00
CA ALA A 55 -20.01 -12.25 30.29
C ALA A 55 -21.30 -13.08 30.35
N ALA A 56 -21.96 -13.11 31.51
CA ALA A 56 -23.26 -13.77 31.69
C ALA A 56 -24.32 -13.18 30.78
N HIS A 57 -24.33 -11.86 30.69
CA HIS A 57 -25.21 -11.13 29.76
C HIS A 57 -24.95 -11.52 28.29
N LEU A 58 -23.71 -11.65 27.89
CA LEU A 58 -23.41 -12.03 26.51
C LEU A 58 -23.84 -13.48 26.24
N ALA A 59 -23.67 -14.37 27.21
CA ALA A 59 -24.07 -15.76 27.03
C ALA A 59 -25.57 -15.95 26.82
N GLU A 60 -26.37 -15.01 27.33
CA GLU A 60 -27.82 -14.98 27.12
C GLU A 60 -28.25 -14.02 25.98
N ASN A 61 -27.30 -13.54 25.18
CA ASN A 61 -27.58 -12.60 24.08
C ASN A 61 -26.75 -12.91 22.81
N GLY A 62 -26.74 -14.18 22.46
CA GLY A 62 -26.19 -14.62 21.18
C GLY A 62 -24.70 -14.89 21.09
N SER A 63 -23.91 -14.66 22.14
CA SER A 63 -22.54 -15.11 22.11
C SER A 63 -22.50 -16.65 22.30
N ASP A 64 -22.07 -17.39 21.28
CA ASP A 64 -21.84 -18.85 21.39
C ASP A 64 -20.52 -19.15 22.09
N ALA A 65 -19.62 -18.17 22.04
CA ALA A 65 -18.32 -18.25 22.67
C ALA A 65 -17.85 -16.85 23.01
N ILE A 66 -16.93 -16.75 23.96
CA ILE A 66 -16.34 -15.50 24.36
C ILE A 66 -14.83 -15.64 24.39
N ILE A 67 -14.13 -14.66 23.84
CA ILE A 67 -12.67 -14.56 23.94
C ILE A 67 -12.27 -13.56 25.03
N VAL A 68 -11.46 -14.06 25.96
CA VAL A 68 -11.06 -13.33 27.13
C VAL A 68 -9.63 -12.87 26.97
N ALA A 69 -9.41 -11.60 27.24
CA ALA A 69 -8.10 -11.02 27.23
C ALA A 69 -7.40 -11.13 25.87
N GLY A 70 -8.17 -10.98 24.79
CA GLY A 70 -7.62 -10.76 23.43
C GLY A 70 -7.40 -9.28 23.16
N THR A 71 -7.31 -8.91 21.90
CA THR A 71 -6.97 -7.51 21.52
C THR A 71 -7.99 -6.50 22.12
N THR A 72 -9.25 -6.87 22.00
CA THR A 72 -10.37 -6.04 22.40
C THR A 72 -10.41 -5.98 23.90
N GLY A 73 -9.87 -7.03 24.54
CA GLY A 73 -9.68 -7.08 25.99
C GLY A 73 -8.40 -6.45 26.51
N GLU A 74 -7.69 -5.69 25.69
CA GLU A 74 -6.51 -4.95 26.08
C GLU A 74 -5.39 -5.88 26.57
N SER A 75 -5.26 -7.01 25.84
CA SER A 75 -4.22 -7.98 26.11
C SER A 75 -2.86 -7.39 26.41
N ALA A 76 -2.42 -6.44 25.59
CA ALA A 76 -1.13 -5.85 25.72
C ALA A 76 -0.85 -5.17 27.07
N THR A 77 -1.85 -4.64 27.73
CA THR A 77 -1.61 -3.94 28.98
C THR A 77 -2.04 -4.75 30.21
N LEU A 78 -2.59 -5.96 30.00
CA LEU A 78 -2.83 -6.87 31.11
C LEU A 78 -1.53 -7.61 31.45
N THR A 79 -1.32 -7.89 32.73
CA THR A 79 -0.28 -8.86 33.17
C THR A 79 -0.82 -10.28 32.97
N TRP A 80 0.09 -11.25 32.96
CA TRP A 80 -0.31 -12.67 32.88
C TRP A 80 -1.25 -13.07 34.04
N SER A 81 -0.97 -12.60 35.26
CA SER A 81 -1.85 -12.90 36.41
C SER A 81 -3.26 -12.38 36.18
N GLU A 82 -3.37 -11.14 35.75
CA GLU A 82 -4.68 -10.57 35.45
C GLU A 82 -5.43 -11.43 34.44
N GLU A 83 -4.73 -11.89 33.41
CA GLU A 83 -5.34 -12.74 32.39
C GLU A 83 -5.85 -14.05 32.98
N TYR A 84 -5.01 -14.69 33.80
CA TYR A 84 -5.37 -15.98 34.39
C TYR A 84 -6.58 -15.86 35.30
N GLU A 85 -6.67 -14.76 36.05
CA GLU A 85 -7.85 -14.54 36.90
C GLU A 85 -9.11 -14.27 36.08
N LEU A 86 -8.97 -13.40 35.07
CA LEU A 86 -10.03 -13.18 34.09
C LEU A 86 -10.53 -14.46 33.43
N PHE A 87 -9.63 -15.41 33.12
CA PHE A 87 -10.03 -16.68 32.54
C PHE A 87 -10.87 -17.45 33.53
N ARG A 88 -10.41 -17.51 34.79
CA ARG A 88 -11.08 -18.31 35.79
C ARG A 88 -12.46 -17.71 36.02
N VAL A 89 -12.50 -16.40 36.18
CA VAL A 89 -13.73 -15.70 36.55
C VAL A 89 -14.79 -15.77 35.43
N VAL A 90 -14.38 -15.53 34.20
CA VAL A 90 -15.28 -15.64 33.06
C VAL A 90 -15.80 -17.05 32.85
N LYS A 91 -14.96 -18.04 33.00
CA LYS A 91 -15.42 -19.47 32.95
C LYS A 91 -16.55 -19.74 33.96
N SER A 92 -16.42 -19.25 35.20
CA SER A 92 -17.49 -19.44 36.23
C SER A 92 -18.74 -18.64 35.93
N ALA A 93 -18.57 -17.41 35.42
CA ALA A 93 -19.71 -16.60 35.05
C ALA A 93 -20.65 -17.25 34.03
N VAL A 94 -20.13 -18.11 33.15
CA VAL A 94 -20.91 -18.73 32.09
C VAL A 94 -21.15 -20.25 32.24
N ALA A 95 -20.69 -20.85 33.34
CA ALA A 95 -21.10 -22.22 33.71
C ALA A 95 -22.64 -22.28 33.81
N GLY A 96 -23.22 -23.38 33.34
CA GLY A 96 -24.68 -23.53 33.18
C GLY A 96 -25.10 -23.39 31.71
N THR A 97 -24.38 -22.56 30.96
CA THR A 97 -24.75 -22.23 29.58
C THR A 97 -23.87 -23.03 28.65
N LYS A 98 -24.22 -23.02 27.36
CA LYS A 98 -23.41 -23.65 26.29
C LYS A 98 -22.28 -22.70 25.79
N CYS A 99 -22.17 -21.51 26.40
CA CYS A 99 -21.15 -20.54 26.03
C CYS A 99 -19.74 -21.00 26.32
N ARG A 100 -18.91 -21.11 25.26
CA ARG A 100 -17.52 -21.53 25.39
C ARG A 100 -16.61 -20.35 25.73
N VAL A 101 -15.58 -20.63 26.54
CA VAL A 101 -14.67 -19.59 26.99
C VAL A 101 -13.32 -19.89 26.47
N ILE A 102 -12.81 -18.91 25.73
CA ILE A 102 -11.57 -19.03 25.02
C ILE A 102 -10.54 -18.07 25.60
N ALA A 103 -9.36 -18.61 25.87
CA ALA A 103 -8.27 -17.80 26.39
C ALA A 103 -7.50 -17.11 25.26
N GLY A 104 -7.40 -15.79 25.32
CA GLY A 104 -6.47 -15.03 24.48
C GLY A 104 -5.09 -15.21 25.06
N ALA A 105 -4.40 -16.23 24.57
CA ALA A 105 -3.19 -16.75 25.20
C ALA A 105 -2.01 -16.66 24.25
N GLY A 106 -2.15 -15.89 23.16
CA GLY A 106 -1.08 -15.75 22.20
C GLY A 106 0.01 -14.77 22.60
N SER A 107 1.10 -14.82 21.84
CA SER A 107 2.21 -13.96 22.08
C SER A 107 3.11 -14.02 20.86
N ASN A 108 4.01 -13.03 20.77
CA ASN A 108 5.10 -13.04 19.81
C ASN A 108 6.33 -13.78 20.34
N SER A 109 6.26 -14.23 21.61
CA SER A 109 7.21 -15.23 22.16
C SER A 109 6.54 -16.61 22.31
N THR A 110 7.08 -17.61 21.64
CA THR A 110 6.56 -18.96 21.72
C THR A 110 6.57 -19.50 23.17
N GLU A 111 7.67 -19.26 23.90
CA GLU A 111 7.76 -19.66 25.29
C GLU A 111 6.60 -19.10 26.15
N GLU A 112 6.28 -17.82 25.97
CA GLU A 112 5.18 -17.19 26.72
C GLU A 112 3.84 -17.77 26.34
N ALA A 113 3.65 -18.03 25.05
CA ALA A 113 2.40 -18.60 24.54
C ALA A 113 2.19 -19.99 25.05
N ILE A 114 3.27 -20.78 25.00
CA ILE A 114 3.27 -22.11 25.60
C ILE A 114 2.88 -22.08 27.10
N GLU A 115 3.48 -21.17 27.88
CA GLU A 115 3.17 -21.14 29.31
C GLU A 115 1.70 -20.78 29.53
N ALA A 116 1.21 -19.80 28.77
CA ALA A 116 -0.19 -19.37 28.96
C ALA A 116 -1.20 -20.43 28.54
N THR A 117 -0.86 -21.15 27.48
CA THR A 117 -1.71 -22.22 26.95
C THR A 117 -1.79 -23.38 27.92
N LYS A 118 -0.66 -23.73 28.55
CA LYS A 118 -0.67 -24.75 29.61
C LYS A 118 -1.54 -24.31 30.78
N LYS A 119 -1.46 -23.05 31.19
CA LYS A 119 -2.28 -22.53 32.28
C LYS A 119 -3.77 -22.61 31.92
N SER A 120 -4.11 -22.30 30.68
CA SER A 120 -5.48 -22.39 30.19
C SER A 120 -6.02 -23.82 30.23
N ALA A 121 -5.16 -24.79 29.91
CA ALA A 121 -5.52 -26.20 30.02
C ALA A 121 -5.82 -26.57 31.48
N LYS A 122 -4.91 -26.23 32.40
CA LYS A 122 -5.06 -26.57 33.84
C LYS A 122 -6.31 -25.89 34.44
N LEU A 123 -6.71 -24.73 33.91
CA LEU A 123 -7.93 -24.04 34.37
C LEU A 123 -9.22 -24.59 33.81
N GLY A 124 -9.14 -25.44 32.81
CA GLY A 124 -10.32 -26.05 32.17
C GLY A 124 -11.13 -25.15 31.24
N LEU A 125 -10.47 -24.17 30.62
CA LEU A 125 -11.12 -23.37 29.56
C LEU A 125 -11.44 -24.20 28.32
N ASP A 126 -12.33 -23.72 27.46
CA ASP A 126 -12.77 -24.53 26.29
C ASP A 126 -11.81 -24.49 25.09
N GLY A 127 -10.90 -23.52 25.09
CA GLY A 127 -9.95 -23.41 23.98
C GLY A 127 -9.06 -22.21 24.10
N THR A 128 -8.15 -21.99 23.16
CA THR A 128 -7.36 -20.77 23.09
C THR A 128 -7.49 -20.11 21.74
N LEU A 129 -7.26 -18.78 21.77
CA LEU A 129 -7.03 -17.97 20.57
C LEU A 129 -5.57 -17.66 20.49
N GLN A 130 -4.97 -17.84 19.31
CA GLN A 130 -3.54 -17.72 19.13
C GLN A 130 -3.24 -16.81 17.93
N VAL A 131 -2.85 -15.56 18.20
CA VAL A 131 -2.41 -14.62 17.21
C VAL A 131 -1.08 -15.01 16.58
N VAL A 132 -0.94 -14.70 15.31
CA VAL A 132 0.32 -14.77 14.57
C VAL A 132 1.24 -13.79 15.31
N PRO A 133 2.51 -14.17 15.50
CA PRO A 133 3.39 -13.27 16.19
C PRO A 133 3.46 -11.88 15.56
N TYR A 134 3.34 -10.89 16.44
CA TYR A 134 3.38 -9.47 16.14
C TYR A 134 4.76 -8.91 16.38
N TYR A 135 5.13 -7.88 15.62
CA TYR A 135 6.35 -7.09 15.84
C TYR A 135 7.67 -7.70 15.35
N ASN A 136 7.89 -9.00 15.62
CA ASN A 136 9.18 -9.66 15.31
C ASN A 136 9.23 -10.35 13.93
N LYS A 137 8.10 -10.32 13.21
CA LYS A 137 8.03 -10.73 11.80
C LYS A 137 8.65 -12.06 11.46
N PRO A 138 8.15 -13.13 12.05
CA PRO A 138 8.80 -14.41 11.73
C PRO A 138 8.54 -14.84 10.31
N PRO A 139 9.46 -15.67 9.75
CA PRO A 139 9.21 -16.36 8.49
C PRO A 139 8.00 -17.29 8.59
N GLN A 140 7.46 -17.73 7.45
CA GLN A 140 6.30 -18.62 7.44
C GLN A 140 6.61 -19.94 8.23
N GLN A 141 7.81 -20.49 8.09
CA GLN A 141 8.19 -21.66 8.84
C GLN A 141 8.28 -21.38 10.35
N GLY A 142 8.56 -20.13 10.71
CA GLY A 142 8.49 -19.69 12.11
C GLY A 142 7.10 -19.60 12.68
N ILE A 143 6.19 -19.06 11.90
CA ILE A 143 4.79 -19.04 12.27
C ILE A 143 4.35 -20.47 12.48
N MET A 144 4.78 -21.34 11.59
CA MET A 144 4.35 -22.72 11.64
C MET A 144 4.90 -23.41 12.88
N ALA A 145 6.18 -23.21 13.17
CA ALA A 145 6.81 -23.83 14.33
C ALA A 145 6.18 -23.28 15.62
N HIS A 146 5.87 -21.97 15.64
CA HIS A 146 5.27 -21.31 16.79
C HIS A 146 3.98 -22.02 17.20
N PHE A 147 3.11 -22.20 16.19
CA PHE A 147 1.82 -22.82 16.44
C PHE A 147 1.89 -24.35 16.70
N ARG A 148 2.81 -25.09 16.05
CA ARG A 148 3.02 -26.50 16.35
CA ARG A 148 3.02 -26.50 16.35
C ARG A 148 3.33 -26.68 17.84
N ALA A 149 4.31 -25.94 18.33
CA ALA A 149 4.75 -26.00 19.73
C ALA A 149 3.64 -25.67 20.75
N ILE A 150 2.83 -24.68 20.40
CA ILE A 150 1.67 -24.34 21.21
C ILE A 150 0.58 -25.42 21.16
N ALA A 151 0.27 -25.92 19.96
CA ALA A 151 -0.67 -27.02 19.86
C ALA A 151 -0.17 -28.25 20.64
N ASN A 152 1.13 -28.55 20.55
CA ASN A 152 1.74 -29.66 21.28
C ASN A 152 1.79 -29.48 22.79
N ALA A 153 1.79 -28.24 23.29
CA ALA A 153 1.85 -27.98 24.75
C ALA A 153 0.53 -28.32 25.43
N ALA A 154 -0.58 -28.28 24.70
CA ALA A 154 -1.85 -28.81 25.23
C ALA A 154 -2.67 -29.47 24.13
N PRO A 155 -2.28 -30.67 23.74
CA PRO A 155 -2.80 -31.30 22.51
C PRO A 155 -4.30 -31.55 22.45
N ASP A 156 -4.97 -31.48 23.61
CA ASP A 156 -6.40 -31.74 23.69
C ASP A 156 -7.21 -30.46 23.85
N LEU A 157 -6.54 -29.31 23.82
CA LEU A 157 -7.20 -28.02 23.91
C LEU A 157 -7.42 -27.38 22.51
N PRO A 158 -8.70 -27.27 22.07
CA PRO A 158 -9.04 -26.66 20.81
C PRO A 158 -8.40 -25.29 20.66
N MET A 159 -8.04 -24.98 19.44
CA MET A 159 -7.27 -23.80 19.14
C MET A 159 -7.80 -23.08 17.91
N MET A 160 -7.91 -21.76 18.05
CA MET A 160 -8.33 -20.86 17.01
C MET A 160 -7.13 -19.97 16.68
N LEU A 161 -6.62 -20.10 15.45
CA LEU A 161 -5.59 -19.20 14.94
C LEU A 161 -6.19 -17.79 14.64
N TYR A 162 -5.35 -16.75 14.60
CA TYR A 162 -5.78 -15.37 14.37
C TYR A 162 -4.78 -14.65 13.50
N ASN A 163 -5.21 -14.27 12.29
CA ASN A 163 -4.30 -13.63 11.32
C ASN A 163 -4.79 -12.22 11.13
N ILE A 164 -3.91 -11.27 11.48
CA ILE A 164 -4.25 -9.85 11.41
C ILE A 164 -3.02 -9.04 11.04
N PRO A 165 -2.72 -8.97 9.73
CA PRO A 165 -1.49 -8.33 9.24
C PRO A 165 -1.33 -6.88 9.63
N GLY A 166 -2.44 -6.16 9.68
CA GLY A 166 -2.47 -4.74 10.05
C GLY A 166 -1.90 -4.44 11.41
N ARG A 167 -2.02 -5.39 12.35
CA ARG A 167 -1.46 -5.24 13.68
C ARG A 167 -0.14 -5.94 13.87
N THR A 168 0.05 -7.08 13.25
CA THR A 168 1.25 -7.90 13.49
C THR A 168 2.38 -7.52 12.62
N GLY A 169 2.09 -7.07 11.39
CA GLY A 169 3.12 -6.70 10.43
C GLY A 169 3.56 -7.84 9.51
N ILE A 170 2.88 -9.00 9.58
CA ILE A 170 3.07 -10.10 8.60
C ILE A 170 1.76 -10.80 8.33
N ASN A 171 1.73 -11.57 7.26
CA ASN A 171 0.58 -12.30 6.87
C ASN A 171 0.90 -13.80 6.88
N MET A 172 0.03 -14.57 7.53
CA MET A 172 0.06 -16.01 7.43
C MET A 172 -0.65 -16.41 6.12
N THR A 173 0.12 -17.04 5.22
CA THR A 173 -0.39 -17.41 3.92
C THR A 173 -1.38 -18.55 3.98
N ALA A 174 -2.14 -18.71 2.90
CA ALA A 174 -3.01 -19.86 2.72
C ALA A 174 -2.29 -21.20 2.98
N GLU A 175 -1.11 -21.37 2.36
CA GLU A 175 -0.34 -22.61 2.48
C GLU A 175 -0.07 -22.93 3.94
N THR A 176 0.43 -21.95 4.68
CA THR A 176 0.78 -22.13 6.06
C THR A 176 -0.45 -22.52 6.89
N SER A 177 -1.56 -21.84 6.66
CA SER A 177 -2.80 -22.07 7.39
C SER A 177 -3.34 -23.46 7.13
N ILE A 178 -3.35 -23.86 5.86
CA ILE A 178 -3.84 -25.17 5.46
C ILE A 178 -2.96 -26.27 6.08
N LYS A 179 -1.65 -26.17 5.90
CA LYS A 179 -0.70 -27.14 6.47
C LYS A 179 -0.91 -27.32 8.00
N LEU A 180 -1.15 -26.23 8.71
CA LEU A 180 -1.38 -26.30 10.14
C LEU A 180 -2.69 -27.01 10.52
N ALA A 181 -3.74 -26.77 9.75
CA ALA A 181 -5.02 -27.44 9.96
C ALA A 181 -4.94 -28.95 9.77
N GLU A 182 -4.00 -29.42 8.92
CA GLU A 182 -3.81 -30.85 8.66
C GLU A 182 -2.93 -31.55 9.70
N MET A 183 -1.90 -30.85 10.15
CA MET A 183 -0.84 -31.43 11.00
C MET A 183 -1.24 -31.49 12.45
N CYS A 184 -2.04 -30.53 12.94
CA CYS A 184 -2.46 -30.48 14.35
C CYS A 184 -3.99 -30.60 14.48
N PRO A 185 -4.49 -31.74 15.00
CA PRO A 185 -5.95 -31.90 14.99
C PRO A 185 -6.69 -31.05 16.00
N ASN A 186 -5.98 -30.46 16.99
CA ASN A 186 -6.63 -29.53 17.91
C ASN A 186 -6.77 -28.10 17.32
N ILE A 187 -6.05 -27.79 16.23
CA ILE A 187 -6.28 -26.55 15.51
C ILE A 187 -7.56 -26.67 14.64
N VAL A 188 -8.68 -26.14 15.14
CA VAL A 188 -10.00 -26.34 14.52
C VAL A 188 -10.65 -25.07 13.96
N ALA A 189 -9.97 -23.93 14.03
CA ALA A 189 -10.54 -22.68 13.53
C ALA A 189 -9.52 -21.64 13.21
N LEU A 190 -9.91 -20.70 12.37
CA LEU A 190 -9.06 -19.59 11.93
C LEU A 190 -9.90 -18.28 11.93
N KPI A 191 -9.38 -17.24 12.58
CA KPI A 191 -9.99 -15.90 12.65
CB KPI A 191 -9.91 -15.29 14.06
CG KPI A 191 -10.38 -13.82 14.19
CD KPI A 191 -10.28 -13.28 15.61
CE KPI A 191 -10.72 -11.81 15.70
NZ KPI A 191 -10.37 -11.28 17.02
CX1 KPI A 191 -10.58 -10.12 17.57
C1 KPI A 191 -11.33 -8.96 16.93
CX2 KPI A 191 -10.05 -9.90 18.93
O1 KPI A 191 -9.42 -10.85 19.55
O2 KPI A 191 -10.27 -8.73 19.40
C KPI A 191 -9.19 -15.15 11.63
O KPI A 191 -8.04 -14.82 11.85
N GLU A 192 -9.81 -14.86 10.50
CA GLU A 192 -9.13 -14.23 9.37
C GLU A 192 -9.57 -12.77 9.23
N ALA A 193 -8.65 -11.85 9.56
CA ALA A 193 -8.92 -10.42 9.45
C ALA A 193 -8.00 -9.72 8.44
N SER A 194 -7.39 -10.46 7.50
CA SER A 194 -6.52 -9.81 6.52
C SER A 194 -7.29 -8.99 5.53
N GLY A 195 -8.59 -9.25 5.41
CA GLY A 195 -9.40 -8.74 4.32
C GLY A 195 -9.04 -9.34 2.95
N ASN A 196 -8.16 -10.35 2.86
CA ASN A 196 -7.78 -10.92 1.58
C ASN A 196 -8.76 -12.05 1.24
N LEU A 197 -9.56 -11.84 0.21
CA LEU A 197 -10.66 -12.75 -0.14
C LEU A 197 -10.18 -14.02 -0.81
N GLU A 198 -9.15 -13.90 -1.63
CA GLU A 198 -8.54 -15.06 -2.31
C GLU A 198 -7.91 -16.02 -1.29
N GLN A 199 -7.11 -15.49 -0.37
CA GLN A 199 -6.55 -16.26 0.74
C GLN A 199 -7.61 -17.00 1.50
N PHE A 200 -8.68 -16.30 1.85
CA PHE A 200 -9.78 -16.90 2.60
C PHE A 200 -10.41 -18.05 1.80
N ALA A 201 -10.69 -17.83 0.53
CA ALA A 201 -11.33 -18.87 -0.30
C ALA A 201 -10.46 -20.11 -0.47
N ARG A 202 -9.16 -19.89 -0.61
CA ARG A 202 -8.21 -20.99 -0.81
C ARG A 202 -8.09 -21.85 0.43
N ILE A 203 -8.09 -21.20 1.59
CA ILE A 203 -8.01 -21.91 2.84
C ILE A 203 -9.28 -22.76 2.99
N ARG A 204 -10.42 -22.14 2.70
CA ARG A 204 -11.72 -22.79 2.80
C ARG A 204 -11.86 -23.99 1.88
N ARG A 205 -11.54 -23.82 0.63
CA ARG A 205 -11.51 -24.89 -0.40
C ARG A 205 -10.71 -26.13 0.05
N ALA A 206 -9.57 -25.91 0.70
CA ALA A 206 -8.60 -26.96 0.97
C ALA A 206 -8.67 -27.60 2.36
N THR A 207 -9.32 -26.98 3.34
CA THR A 207 -9.46 -27.58 4.66
C THR A 207 -10.73 -28.40 4.71
N SER A 208 -10.85 -29.27 5.72
CA SER A 208 -12.06 -30.09 5.84
C SER A 208 -13.22 -29.22 6.37
N PRO A 209 -14.48 -29.59 6.08
CA PRO A 209 -15.58 -28.72 6.56
C PRO A 209 -15.72 -28.62 8.08
N ASP A 210 -15.09 -29.55 8.81
CA ASP A 210 -15.02 -29.46 10.28
C ASP A 210 -14.11 -28.31 10.74
N PHE A 211 -13.27 -27.79 9.87
CA PHE A 211 -12.47 -26.59 10.18
C PHE A 211 -13.30 -25.28 10.04
N ALA A 212 -13.36 -24.49 11.10
CA ALA A 212 -14.16 -23.24 11.12
C ALA A 212 -13.35 -22.08 10.57
N LEU A 213 -13.94 -21.30 9.68
CA LEU A 213 -13.32 -20.07 9.17
C LEU A 213 -14.21 -18.93 9.58
N TYR A 214 -13.70 -18.07 10.47
CA TYR A 214 -14.42 -16.92 11.02
C TYR A 214 -13.87 -15.58 10.49
N SER A 215 -14.77 -14.66 10.17
CA SER A 215 -14.42 -13.26 9.95
C SER A 215 -13.87 -12.68 11.24
N GLY A 216 -12.82 -11.88 11.14
CA GLY A 216 -12.28 -11.13 12.28
C GLY A 216 -12.69 -9.67 12.32
N ASP A 217 -13.77 -9.36 11.61
CA ASP A 217 -14.11 -8.01 11.24
C ASP A 217 -15.62 -7.92 10.95
N ASP A 218 -16.37 -7.21 11.79
CA ASP A 218 -17.84 -7.17 11.68
C ASP A 218 -18.34 -6.77 10.25
N ALA A 219 -17.62 -5.84 9.62
CA ALA A 219 -17.95 -5.37 8.28
C ALA A 219 -17.69 -6.41 7.16
N LEU A 220 -16.88 -7.42 7.43
CA LEU A 220 -16.56 -8.50 6.47
C LEU A 220 -17.34 -9.82 6.71
N THR A 221 -18.12 -9.89 7.79
CA THR A 221 -18.85 -11.11 8.09
C THR A 221 -19.63 -11.58 6.89
N LEU A 222 -20.45 -10.70 6.32
CA LEU A 222 -21.35 -11.08 5.22
C LEU A 222 -20.65 -11.55 3.95
N PRO A 223 -19.70 -10.78 3.41
CA PRO A 223 -18.96 -11.33 2.26
C PRO A 223 -18.12 -12.58 2.53
N LEU A 224 -17.60 -12.76 3.74
CA LEU A 224 -16.88 -13.99 4.08
C LEU A 224 -17.83 -15.20 4.16
N LEU A 225 -19.10 -14.95 4.52
CA LEU A 225 -20.09 -16.04 4.49
C LEU A 225 -20.28 -16.56 3.07
N SER A 226 -20.16 -15.67 2.08
CA SER A 226 -20.33 -16.04 0.70
C SER A 226 -19.21 -16.94 0.21
N LEU A 227 -18.04 -16.85 0.84
CA LEU A 227 -16.92 -17.73 0.55
C LEU A 227 -16.75 -18.85 1.58
N GLY A 228 -17.83 -19.27 2.23
CA GLY A 228 -17.86 -20.50 3.05
C GLY A 228 -17.59 -20.29 4.52
N GLY A 229 -17.56 -19.03 4.93
CA GLY A 229 -17.25 -18.67 6.31
C GLY A 229 -18.36 -19.11 7.26
N ASN A 230 -17.98 -19.33 8.51
CA ASN A 230 -18.88 -19.92 9.49
C ASN A 230 -19.35 -18.95 10.55
N GLY A 231 -18.96 -17.68 10.39
CA GLY A 231 -19.39 -16.64 11.30
C GLY A 231 -18.33 -15.60 11.59
N VAL A 232 -18.30 -15.14 12.82
CA VAL A 232 -17.55 -13.96 13.15
C VAL A 232 -17.08 -13.96 14.59
N VAL A 233 -15.85 -13.48 14.77
CA VAL A 233 -15.34 -13.11 16.07
C VAL A 233 -15.49 -11.59 16.12
N SER A 234 -16.48 -11.15 16.87
CA SER A 234 -17.07 -9.82 16.79
C SER A 234 -16.77 -8.91 17.99
N VAL A 235 -16.67 -7.60 17.73
CA VAL A 235 -16.75 -6.58 18.75
C VAL A 235 -18.22 -6.16 18.96
N ALA A 236 -18.95 -5.99 17.85
CA ALA A 236 -20.32 -5.47 17.91
C ALA A 236 -21.37 -6.38 18.56
N SER A 237 -21.02 -7.66 18.74
CA SER A 237 -21.88 -8.62 19.45
C SER A 237 -22.02 -8.35 20.94
N HIS A 238 -21.24 -7.42 21.51
CA HIS A 238 -21.52 -6.85 22.85
C HIS A 238 -22.91 -6.20 22.85
N PHE A 239 -23.29 -5.62 21.71
CA PHE A 239 -24.49 -4.79 21.59
C PHE A 239 -25.60 -5.40 20.76
N ILE A 240 -25.24 -6.14 19.68
CA ILE A 240 -26.24 -6.66 18.75
C ILE A 240 -26.04 -8.14 18.38
N GLY A 241 -25.59 -8.91 19.36
CA GLY A 241 -25.40 -10.33 19.18
C GLY A 241 -26.58 -11.07 18.52
N PRO A 242 -27.79 -10.92 19.05
CA PRO A 242 -28.91 -11.67 18.46
C PRO A 242 -29.17 -11.28 17.01
N GLU A 243 -28.89 -10.03 16.65
CA GLU A 243 -29.12 -9.55 15.28
C GLU A 243 -28.00 -10.09 14.34
N ILE A 244 -26.77 -10.20 14.83
CA ILE A 244 -25.73 -10.85 14.04
C ILE A 244 -26.07 -12.33 13.81
N GLN A 245 -26.55 -13.02 14.86
CA GLN A 245 -27.06 -14.41 14.69
C GLN A 245 -28.14 -14.49 13.59
N ARG A 246 -29.08 -13.56 13.61
CA ARG A 246 -30.21 -13.53 12.65
C ARG A 246 -29.68 -13.34 11.20
N MET A 247 -28.72 -12.43 11.03
CA MET A 247 -28.05 -12.23 9.74
C MET A 247 -27.44 -13.52 9.19
N ILE A 248 -26.66 -14.20 10.02
CA ILE A 248 -25.98 -15.43 9.61
C ILE A 248 -27.03 -16.50 9.31
N GLU A 249 -28.06 -16.59 10.14
CA GLU A 249 -29.15 -17.54 9.94
C GLU A 249 -29.85 -17.33 8.55
N HIS A 250 -30.16 -16.07 8.22
CA HIS A 250 -30.81 -15.74 6.92
C HIS A 250 -29.95 -16.17 5.73
N PHE A 251 -28.64 -15.95 5.86
CA PHE A 251 -27.69 -16.26 4.80
C PHE A 251 -27.41 -17.76 4.64
N VAL A 252 -27.05 -18.42 5.74
CA VAL A 252 -26.52 -19.80 5.68
C VAL A 252 -27.64 -20.82 5.68
N ASP A 253 -28.66 -20.62 6.51
CA ASP A 253 -29.74 -21.59 6.68
C ASP A 253 -30.95 -21.37 5.76
N LEU A 254 -31.40 -20.14 5.65
CA LEU A 254 -32.72 -19.85 5.08
C LEU A 254 -32.72 -19.35 3.63
N GLY A 255 -31.53 -19.15 3.06
CA GLY A 255 -31.37 -18.73 1.66
C GLY A 255 -31.92 -17.34 1.36
N ASN A 256 -31.69 -16.40 2.28
CA ASN A 256 -32.20 -15.03 2.17
C ASN A 256 -31.00 -14.07 2.29
N PRO A 257 -30.12 -14.02 1.27
CA PRO A 257 -29.04 -13.00 1.27
C PRO A 257 -29.52 -11.55 1.29
N GLU A 258 -30.70 -11.28 0.71
CA GLU A 258 -31.25 -9.92 0.70
C GLU A 258 -31.49 -9.50 2.15
N GLU A 259 -32.11 -10.37 2.95
CA GLU A 259 -32.33 -10.04 4.38
C GLU A 259 -31.07 -9.99 5.23
N ALA A 260 -30.08 -10.82 4.93
CA ALA A 260 -28.78 -10.73 5.61
C ALA A 260 -28.21 -9.33 5.38
N PHE A 261 -28.28 -8.88 4.14
CA PHE A 261 -27.75 -7.58 3.78
C PHE A 261 -28.56 -6.41 4.36
N ARG A 262 -29.87 -6.55 4.44
CA ARG A 262 -30.71 -5.57 5.12
C ARG A 262 -30.17 -5.38 6.54
N ILE A 263 -29.79 -6.47 7.23
CA ILE A 263 -29.25 -6.34 8.60
C ILE A 263 -27.87 -5.73 8.61
N HIS A 264 -27.01 -6.17 7.71
CA HIS A 264 -25.68 -5.58 7.60
C HIS A 264 -25.78 -4.06 7.42
N CYS A 265 -26.67 -3.63 6.53
N CYS A 265 -26.67 -3.63 6.53
CA CYS A 265 -26.96 -2.22 6.26
CA CYS A 265 -26.96 -2.22 6.26
C CYS A 265 -27.44 -1.44 7.48
C CYS A 265 -27.44 -1.44 7.48
N ARG A 266 -28.37 -2.02 8.27
CA ARG A 266 -28.87 -1.39 9.51
C ARG A 266 -27.66 -1.02 10.39
N TYR A 267 -26.65 -1.88 10.44
CA TYR A 267 -25.54 -1.70 11.40
C TYR A 267 -24.18 -1.24 10.86
N MET A 268 -24.10 -0.84 9.59
CA MET A 268 -22.83 -0.34 9.01
C MET A 268 -22.30 0.91 9.75
N ASP A 269 -23.17 1.84 10.10
CA ASP A 269 -22.74 3.02 10.85
C ASP A 269 -22.11 2.68 12.19
N LEU A 270 -22.74 1.74 12.90
CA LEU A 270 -22.22 1.25 14.16
C LEU A 270 -20.88 0.57 13.96
N PHE A 271 -20.79 -0.33 12.98
CA PHE A 271 -19.49 -0.95 12.64
C PHE A 271 -18.43 0.09 12.35
N GLU A 272 -18.74 1.12 11.55
CA GLU A 272 -17.76 2.18 11.26
C GLU A 272 -17.39 2.91 12.55
N ALA A 273 -18.40 3.30 13.31
CA ALA A 273 -18.22 4.01 14.59
C ALA A 273 -17.36 3.29 15.61
N LEU A 274 -17.45 1.97 15.64
CA LEU A 274 -16.64 1.16 16.58
C LEU A 274 -15.17 1.15 16.24
N PHE A 275 -14.77 1.66 15.06
CA PHE A 275 -13.34 1.70 14.65
C PHE A 275 -12.82 3.07 14.28
N VAL A 276 -13.61 4.14 14.53
CA VAL A 276 -13.19 5.51 14.25
C VAL A 276 -11.96 5.91 15.10
N MET A 277 -11.80 5.30 16.26
CA MET A 277 -10.56 5.29 16.98
C MET A 277 -10.26 3.80 17.18
N ALA A 278 -9.03 3.53 17.58
CA ALA A 278 -8.60 2.18 17.74
C ALA A 278 -9.39 1.36 18.78
N ASN A 279 -9.76 0.16 18.37
CA ASN A 279 -10.50 -0.77 19.22
C ASN A 279 -9.57 -1.12 20.39
N PRO A 280 -10.04 -1.14 21.64
CA PRO A 280 -11.45 -1.03 22.07
C PRO A 280 -11.90 0.35 22.63
N ILE A 281 -11.28 1.44 22.17
CA ILE A 281 -11.68 2.72 22.72
C ILE A 281 -13.18 2.95 22.50
N PRO A 282 -13.70 2.77 21.28
CA PRO A 282 -15.15 2.99 21.09
C PRO A 282 -16.05 1.97 21.76
N ALA A 283 -15.65 0.71 21.68
CA ALA A 283 -16.39 -0.40 22.34
C ALA A 283 -16.61 -0.10 23.83
N LYS A 284 -15.54 0.26 24.53
CA LYS A 284 -15.64 0.66 25.94
C LYS A 284 -16.49 1.88 26.17
N ALA A 285 -16.35 2.89 25.33
CA ALA A 285 -17.20 4.09 25.47
C ALA A 285 -18.68 3.77 25.29
N ALA A 286 -19.00 2.86 24.36
CA ALA A 286 -20.40 2.49 24.11
C ALA A 286 -21.01 1.74 25.29
N LEU A 287 -20.22 0.84 25.87
CA LEU A 287 -20.64 0.09 27.02
C LEU A 287 -20.90 1.04 28.21
N ARG A 288 -19.97 2.00 28.49
CA ARG A 288 -20.18 3.00 29.51
C ARG A 288 -21.47 3.79 29.32
N LEU A 289 -21.76 4.22 28.08
CA LEU A 289 -23.02 4.93 27.79
C LEU A 289 -24.26 4.09 27.96
N LEU A 290 -24.16 2.78 27.81
CA LEU A 290 -25.29 1.87 28.06
C LEU A 290 -25.44 1.41 29.57
N GLY A 291 -24.66 1.99 30.48
CA GLY A 291 -24.73 1.64 31.91
C GLY A 291 -23.79 0.53 32.39
N TRP A 292 -22.90 0.01 31.51
CA TRP A 292 -21.92 -0.98 31.89
C TRP A 292 -20.61 -0.26 32.31
N PRO A 293 -20.25 -0.30 33.62
CA PRO A 293 -19.11 0.53 34.08
C PRO A 293 -17.79 -0.17 33.82
N VAL A 294 -17.42 -0.24 32.55
CA VAL A 294 -16.21 -0.98 32.15
C VAL A 294 -14.91 -0.19 32.28
N GLY A 295 -15.00 1.07 32.73
CA GLY A 295 -13.83 1.84 33.07
C GLY A 295 -13.12 2.44 31.86
N PRO A 296 -11.97 3.09 32.08
CA PRO A 296 -11.17 3.57 30.99
C PRO A 296 -10.36 2.43 30.34
N THR A 297 -9.56 2.81 29.34
CA THR A 297 -8.51 1.96 28.80
C THR A 297 -7.23 2.35 29.54
N ARG A 298 -6.20 1.52 29.40
CA ARG A 298 -4.86 1.82 29.92
C ARG A 298 -3.96 2.37 28.83
N LEU A 299 -3.07 3.25 29.19
CA LEU A 299 -2.06 3.76 28.30
C LEU A 299 -1.31 2.60 27.61
N PRO A 300 -1.05 2.68 26.30
CA PRO A 300 -1.10 3.92 25.51
C PRO A 300 -2.45 4.29 24.90
N LEU A 301 -3.52 3.60 25.23
CA LEU A 301 -4.81 3.97 24.70
C LEU A 301 -5.38 5.12 25.54
N THR A 302 -5.76 6.21 24.92
CA THR A 302 -6.28 7.38 25.60
C THR A 302 -7.78 7.41 25.51
N ASP A 303 -8.40 8.40 26.14
CA ASP A 303 -9.85 8.50 26.17
C ASP A 303 -10.39 8.82 24.78
N ILE A 304 -11.61 8.38 24.53
CA ILE A 304 -12.34 8.74 23.32
C ILE A 304 -12.47 10.24 23.24
N THR A 305 -12.35 10.82 22.05
CA THR A 305 -12.51 12.26 21.85
C THR A 305 -13.99 12.61 21.78
N ALA A 306 -14.29 13.88 21.99
CA ALA A 306 -15.64 14.39 21.89
C ALA A 306 -16.22 14.06 20.49
N SER A 307 -15.39 14.23 19.45
CA SER A 307 -15.80 13.97 18.08
C SER A 307 -16.19 12.50 17.80
N ALA A 308 -15.37 11.57 18.29
CA ALA A 308 -15.63 10.16 18.12
C ALA A 308 -16.82 9.69 18.97
N GLU A 309 -16.94 10.26 20.19
CA GLU A 309 -18.07 9.96 21.06
C GLU A 309 -19.37 10.40 20.41
N GLN A 310 -19.39 11.57 19.78
CA GLN A 310 -20.66 12.05 19.13
C GLN A 310 -21.05 11.12 17.97
N GLN A 311 -20.10 10.74 17.12
CA GLN A 311 -20.36 9.81 16.00
C GLN A 311 -20.87 8.46 16.50
N LEU A 312 -20.29 8.00 17.61
CA LEU A 312 -20.68 6.75 18.24
C LEU A 312 -22.07 6.83 18.82
N ARG A 313 -22.31 7.92 19.57
CA ARG A 313 -23.60 8.16 20.22
CA ARG A 313 -23.60 8.15 20.23
C ARG A 313 -24.70 8.23 19.18
N GLN A 314 -24.48 9.01 18.11
CA GLN A 314 -25.44 9.11 16.99
C GLN A 314 -25.73 7.75 16.36
N ALA A 315 -24.67 6.97 16.08
CA ALA A 315 -24.84 5.66 15.45
C ALA A 315 -25.64 4.72 16.32
N MET A 316 -25.39 4.76 17.62
CA MET A 316 -26.17 3.99 18.61
C MET A 316 -27.65 4.40 18.67
N ILE A 317 -27.94 5.69 18.60
CA ILE A 317 -29.33 6.15 18.62
C ILE A 317 -30.05 5.60 17.39
N ALA A 318 -29.48 5.84 16.20
CA ALA A 318 -30.06 5.33 14.94
C ALA A 318 -30.19 3.78 14.89
N ALA A 319 -29.29 3.07 15.57
CA ALA A 319 -29.39 1.62 15.67
C ALA A 319 -30.39 1.14 16.73
N GLY A 320 -31.05 2.06 17.43
CA GLY A 320 -32.04 1.72 18.46
C GLY A 320 -31.50 1.24 19.79
N LEU A 321 -30.25 1.59 20.13
CA LEU A 321 -29.60 1.15 21.37
C LEU A 321 -29.69 2.18 22.53
N LEU A 322 -29.87 3.47 22.19
CA LEU A 322 -30.29 4.55 23.08
C LEU A 322 -31.52 5.26 22.49
N LYS B 25 29.85 15.18 18.99
CA LYS B 25 29.01 16.40 18.73
C LYS B 25 27.54 16.14 19.23
N HIS B 26 26.99 14.96 19.00
CA HIS B 26 25.79 14.48 19.69
C HIS B 26 26.12 13.39 20.75
N PHE B 27 25.29 13.33 21.76
CA PHE B 27 25.50 12.41 22.89
C PHE B 27 25.64 10.95 22.46
N PHE B 28 24.72 10.48 21.62
CA PHE B 28 24.81 9.12 21.09
C PHE B 28 25.69 8.97 19.83
N GLY B 29 26.33 10.01 19.33
CA GLY B 29 27.29 9.91 18.21
C GLY B 29 26.68 9.76 16.83
N ARG B 30 27.44 9.11 15.94
CA ARG B 30 27.06 8.93 14.52
C ARG B 30 26.64 7.52 14.14
N VAL B 31 27.26 6.53 14.76
CA VAL B 31 26.97 5.11 14.48
C VAL B 31 26.60 4.43 15.80
N ILE B 32 25.38 3.94 15.88
CA ILE B 32 24.90 3.22 17.04
C ILE B 32 24.57 1.81 16.56
N THR B 33 25.20 0.79 17.17
CA THR B 33 24.96 -0.57 16.75
C THR B 33 23.85 -1.17 17.57
N ALA B 34 22.84 -1.73 16.89
CA ALA B 34 21.79 -2.53 17.52
C ALA B 34 22.28 -3.96 17.80
N LEU B 35 22.81 -4.18 18.98
CA LEU B 35 23.50 -5.42 19.33
C LEU B 35 22.61 -6.68 19.26
N VAL B 36 23.10 -7.73 18.55
CA VAL B 36 22.42 -9.01 18.61
C VAL B 36 22.64 -9.56 20.01
N THR B 37 21.73 -10.43 20.42
CA THR B 37 21.81 -11.10 21.72
C THR B 37 22.31 -12.52 21.55
N PRO B 38 23.55 -12.83 21.96
CA PRO B 38 24.04 -14.21 21.87
C PRO B 38 23.28 -15.20 22.75
N PHE B 39 22.92 -16.36 22.21
CA PHE B 39 22.37 -17.43 23.03
C PHE B 39 23.27 -18.64 22.96
N LYS B 40 23.25 -19.48 23.99
CA LYS B 40 23.91 -20.78 23.95
C LYS B 40 23.17 -21.73 23.02
N LEU B 41 23.79 -22.85 22.69
CA LEU B 41 23.36 -23.80 21.67
C LEU B 41 21.86 -24.14 21.58
N THR B 42 21.21 -24.35 22.72
CA THR B 42 19.78 -24.65 22.73
C THR B 42 18.89 -23.40 22.57
N GLY B 43 19.44 -22.20 22.74
CA GLY B 43 18.65 -20.97 22.78
C GLY B 43 18.10 -20.61 24.15
N VAL B 44 18.18 -21.54 25.09
CA VAL B 44 17.44 -21.42 26.35
C VAL B 44 18.08 -20.35 27.28
N GLU B 45 19.41 -20.22 27.25
CA GLU B 45 20.09 -19.19 27.99
C GLU B 45 20.83 -18.21 27.09
N VAL B 46 20.98 -17.01 27.63
CA VAL B 46 21.81 -15.99 27.03
C VAL B 46 23.26 -16.37 27.30
N ASP B 47 24.15 -16.06 26.39
CA ASP B 47 25.58 -16.17 26.62
C ASP B 47 26.14 -14.77 26.91
N TYR B 48 26.14 -14.42 28.19
CA TYR B 48 26.58 -13.09 28.62
C TYR B 48 28.05 -12.85 28.27
N GLY B 49 28.88 -13.90 28.31
CA GLY B 49 30.29 -13.84 27.97
C GLY B 49 30.54 -13.39 26.54
N VAL B 50 29.85 -14.02 25.60
CA VAL B 50 29.96 -13.64 24.19
C VAL B 50 29.42 -12.20 24.01
N ALA B 51 28.37 -11.84 24.73
CA ALA B 51 27.83 -10.47 24.74
C ALA B 51 28.89 -9.45 25.16
N GLU B 52 29.65 -9.75 26.20
CA GLU B 52 30.71 -8.86 26.68
C GLU B 52 31.76 -8.65 25.60
N SER B 53 32.32 -9.73 25.08
CA SER B 53 33.46 -9.56 24.19
C SER B 53 32.97 -8.96 22.84
N LEU B 54 31.78 -9.30 22.38
CA LEU B 54 31.21 -8.69 21.19
C LEU B 54 31.03 -7.17 21.38
N ALA B 55 30.53 -6.75 22.54
CA ALA B 55 30.33 -5.32 22.80
C ALA B 55 31.65 -4.55 22.89
N ALA B 56 32.66 -5.14 23.55
CA ALA B 56 34.02 -4.57 23.61
C ALA B 56 34.62 -4.40 22.23
N HIS B 57 34.44 -5.41 21.39
CA HIS B 57 34.86 -5.34 19.98
C HIS B 57 34.17 -4.18 19.21
N LEU B 58 32.88 -3.99 19.43
CA LEU B 58 32.18 -2.92 18.73
C LEU B 58 32.68 -1.54 19.22
N ALA B 59 32.95 -1.41 20.51
CA ALA B 59 33.41 -0.13 21.04
C ALA B 59 34.76 0.31 20.48
N GLU B 60 35.58 -0.66 20.05
CA GLU B 60 36.86 -0.39 19.38
C GLU B 60 36.76 -0.42 17.84
N ASN B 61 35.55 -0.48 17.29
CA ASN B 61 35.34 -0.59 15.82
C ASN B 61 34.17 0.27 15.34
N GLY B 62 34.18 1.51 15.79
CA GLY B 62 33.27 2.53 15.28
C GLY B 62 31.91 2.66 15.88
N SER B 63 31.50 1.81 16.81
CA SER B 63 30.25 2.03 17.51
C SER B 63 30.46 3.16 18.56
N ASP B 64 29.79 4.30 18.35
CA ASP B 64 29.78 5.40 19.33
C ASP B 64 28.81 5.08 20.48
N ALA B 65 27.85 4.22 20.18
CA ALA B 65 26.86 3.77 21.13
C ALA B 65 26.40 2.37 20.75
N ILE B 66 25.85 1.65 21.72
CA ILE B 66 25.30 0.33 21.51
C ILE B 66 23.90 0.27 22.10
N ILE B 67 22.96 -0.30 21.35
CA ILE B 67 21.60 -0.60 21.83
C ILE B 67 21.48 -2.06 22.20
N VAL B 68 21.08 -2.27 23.46
CA VAL B 68 21.05 -3.60 24.06
C VAL B 68 19.60 -4.03 24.15
N ALA B 69 19.33 -5.24 23.68
CA ALA B 69 18.05 -5.83 23.78
C ALA B 69 16.95 -5.03 23.08
N GLY B 70 17.27 -4.43 21.91
CA GLY B 70 16.26 -3.92 20.99
C GLY B 70 15.85 -5.00 19.99
N THR B 71 15.26 -4.61 18.86
CA THR B 71 14.67 -5.55 17.91
C THR B 71 15.68 -6.56 17.41
N THR B 72 16.87 -6.07 17.10
CA THR B 72 17.97 -6.84 16.55
C THR B 72 18.50 -7.76 17.61
N GLY B 73 18.32 -7.39 18.86
CA GLY B 73 18.63 -8.20 20.02
C GLY B 73 17.55 -9.14 20.48
N GLU B 74 16.50 -9.32 19.67
CA GLU B 74 15.43 -10.25 19.93
C GLU B 74 14.67 -9.90 21.18
N SER B 75 14.45 -8.59 21.37
CA SER B 75 13.69 -8.06 22.49
C SER B 75 12.43 -8.87 22.82
N ALA B 76 11.64 -9.20 21.80
CA ALA B 76 10.38 -9.90 22.03
C ALA B 76 10.52 -11.25 22.75
N THR B 77 11.61 -11.97 22.57
CA THR B 77 11.74 -13.27 23.20
C THR B 77 12.65 -13.27 24.42
N LEU B 78 13.25 -12.14 24.76
CA LEU B 78 13.94 -11.97 26.02
C LEU B 78 12.93 -11.69 27.13
N THR B 79 13.18 -12.23 28.34
CA THR B 79 12.45 -11.80 29.54
C THR B 79 13.08 -10.51 30.05
N TRP B 80 12.35 -9.81 30.91
CA TRP B 80 12.86 -8.57 31.52
C TRP B 80 14.17 -8.80 32.28
N SER B 81 14.25 -9.89 33.04
CA SER B 81 15.48 -10.21 33.78
C SER B 81 16.66 -10.37 32.85
N GLU B 82 16.48 -11.16 31.79
CA GLU B 82 17.55 -11.32 30.80
C GLU B 82 18.02 -9.96 30.26
N GLU B 83 17.08 -9.07 29.98
CA GLU B 83 17.42 -7.74 29.50
C GLU B 83 18.22 -6.95 30.51
N TYR B 84 17.79 -6.98 31.78
CA TYR B 84 18.47 -6.24 32.82
C TYR B 84 19.89 -6.74 33.03
N GLU B 85 20.11 -8.04 32.93
CA GLU B 85 21.46 -8.60 33.04
C GLU B 85 22.34 -8.21 31.85
N LEU B 86 21.77 -8.33 30.66
CA LEU B 86 22.41 -7.81 29.42
C LEU B 86 22.83 -6.36 29.54
N PHE B 87 21.97 -5.53 30.14
CA PHE B 87 22.30 -4.11 30.33
C PHE B 87 23.51 -3.97 31.23
N ARG B 88 23.49 -4.70 32.35
CA ARG B 88 24.54 -4.58 33.36
C ARG B 88 25.83 -5.02 32.74
N VAL B 89 25.79 -6.17 32.07
CA VAL B 89 27.01 -6.81 31.53
C VAL B 89 27.64 -5.98 30.40
N VAL B 90 26.82 -5.51 29.48
CA VAL B 90 27.28 -4.66 28.38
C VAL B 90 27.87 -3.33 28.89
N LYS B 91 27.24 -2.71 29.88
CA LYS B 91 27.79 -1.49 30.49
C LYS B 91 29.21 -1.70 31.03
N SER B 92 29.46 -2.81 31.72
CA SER B 92 30.82 -3.11 32.27
C SER B 92 31.81 -3.48 31.19
N ALA B 93 31.36 -4.22 30.17
CA ALA B 93 32.24 -4.55 29.05
C ALA B 93 32.86 -3.34 28.34
N VAL B 94 32.16 -2.19 28.33
CA VAL B 94 32.63 -1.01 27.62
C VAL B 94 33.04 0.18 28.50
N ALA B 95 33.01 0.00 29.83
CA ALA B 95 33.59 0.99 30.77
C ALA B 95 35.06 1.27 30.41
N GLY B 96 35.45 2.55 30.48
CA GLY B 96 36.79 2.97 30.02
C GLY B 96 36.78 3.60 28.63
N THR B 97 35.79 3.24 27.81
CA THR B 97 35.64 3.78 26.46
C THR B 97 34.58 4.86 26.49
N LYS B 98 34.49 5.61 25.39
CA LYS B 98 33.44 6.64 25.20
C LYS B 98 32.11 6.03 24.70
N CYS B 99 32.06 4.72 24.54
CA CYS B 99 30.89 4.03 24.01
C CYS B 99 29.69 4.09 24.97
N ARG B 100 28.60 4.66 24.52
CA ARG B 100 27.38 4.82 25.32
C ARG B 100 26.49 3.59 25.20
N VAL B 101 25.79 3.25 26.28
CA VAL B 101 25.00 2.03 26.34
C VAL B 101 23.58 2.41 26.54
N ILE B 102 22.76 1.98 25.61
CA ILE B 102 21.37 2.33 25.54
C ILE B 102 20.51 1.08 25.77
N ALA B 103 19.55 1.22 26.67
CA ALA B 103 18.63 0.15 26.96
C ALA B 103 17.45 0.16 25.98
N GLY B 104 17.22 -0.96 25.29
CA GLY B 104 15.98 -1.20 24.58
C GLY B 104 14.91 -1.54 25.61
N ALA B 105 14.23 -0.50 26.08
CA ALA B 105 13.36 -0.56 27.24
C ALA B 105 11.92 -0.24 26.89
N GLY B 106 11.60 -0.23 25.62
CA GLY B 106 10.24 0.06 25.15
C GLY B 106 9.26 -1.08 25.24
N SER B 107 8.00 -0.77 25.08
CA SER B 107 6.94 -1.71 25.13
C SER B 107 5.69 -1.07 24.56
N ASN B 108 4.72 -1.92 24.21
CA ASN B 108 3.38 -1.50 23.86
C ASN B 108 2.48 -1.30 25.08
N SER B 109 3.00 -1.66 26.28
CA SER B 109 2.42 -1.24 27.57
C SER B 109 3.24 -0.12 28.22
N THR B 110 2.61 1.02 28.46
CA THR B 110 3.27 2.14 29.09
C THR B 110 3.82 1.77 30.49
N GLU B 111 3.01 1.04 31.28
CA GLU B 111 3.42 0.59 32.62
C GLU B 111 4.73 -0.22 32.53
N GLU B 112 4.83 -1.17 31.59
CA GLU B 112 6.02 -2.01 31.44
C GLU B 112 7.22 -1.16 31.02
N ALA B 113 7.00 -0.21 30.11
CA ALA B 113 8.08 0.66 29.66
C ALA B 113 8.59 1.53 30.75
N ILE B 114 7.67 2.11 31.51
CA ILE B 114 8.02 2.85 32.72
C ILE B 114 8.87 2.00 33.70
N GLU B 115 8.46 0.78 33.99
CA GLU B 115 9.22 -0.04 34.95
C GLU B 115 10.64 -0.33 34.40
N ALA B 116 10.73 -0.64 33.12
CA ALA B 116 12.05 -0.97 32.52
C ALA B 116 12.98 0.26 32.47
N THR B 117 12.37 1.41 32.21
CA THR B 117 13.13 2.65 32.13
C THR B 117 13.66 3.07 33.49
N LYS B 118 12.86 2.87 34.54
CA LYS B 118 13.33 3.07 35.92
C LYS B 118 14.48 2.15 36.27
N LYS B 119 14.41 0.89 35.87
CA LYS B 119 15.50 -0.06 36.11
C LYS B 119 16.78 0.37 35.37
N SER B 120 16.63 0.87 34.15
CA SER B 120 17.76 1.38 33.37
C SER B 120 18.43 2.56 34.02
N ALA B 121 17.63 3.43 34.64
CA ALA B 121 18.17 4.56 35.40
C ALA B 121 18.99 4.08 36.60
N LYS B 122 18.41 3.20 37.40
CA LYS B 122 19.10 2.65 38.63
C LYS B 122 20.38 1.90 38.26
N LEU B 123 20.44 1.29 37.07
CA LEU B 123 21.66 0.58 36.60
C LEU B 123 22.73 1.51 36.04
N GLY B 124 22.39 2.77 35.80
CA GLY B 124 23.36 3.75 35.29
C GLY B 124 23.69 3.66 33.81
N LEU B 125 22.76 3.16 33.00
CA LEU B 125 22.90 3.21 31.54
C LEU B 125 22.85 4.65 31.00
N ASP B 126 23.32 4.87 29.77
CA ASP B 126 23.40 6.24 29.23
C ASP B 126 22.10 6.77 28.66
N GLY B 127 21.15 5.90 28.41
CA GLY B 127 19.88 6.31 27.84
C GLY B 127 18.99 5.12 27.53
N THR B 128 17.79 5.37 27.00
CA THR B 128 16.93 4.33 26.54
C THR B 128 16.51 4.58 25.08
N LEU B 129 16.15 3.47 24.43
CA LEU B 129 15.46 3.45 23.14
C LEU B 129 14.02 3.06 23.40
N GLN B 130 13.09 3.79 22.81
CA GLN B 130 11.67 3.60 23.08
C GLN B 130 10.89 3.53 21.77
N VAL B 131 10.48 2.31 21.40
CA VAL B 131 9.65 2.07 20.26
C VAL B 131 8.24 2.57 20.43
N VAL B 132 7.65 3.00 19.33
CA VAL B 132 6.25 3.32 19.24
C VAL B 132 5.52 2.04 19.56
N PRO B 133 4.43 2.11 20.34
CA PRO B 133 3.73 0.89 20.63
C PRO B 133 3.32 0.09 19.42
N TYR B 134 3.62 -1.21 19.50
CA TYR B 134 3.35 -2.20 18.47
C TYR B 134 2.09 -2.95 18.79
N TYR B 135 1.38 -3.39 17.74
CA TYR B 135 0.22 -4.29 17.84
C TYR B 135 -1.11 -3.69 18.32
N ASN B 136 -1.07 -2.81 19.35
CA ASN B 136 -2.31 -2.26 19.95
C ASN B 136 -2.78 -0.93 19.34
N LYS B 137 -1.98 -0.41 18.39
CA LYS B 137 -2.37 0.74 17.53
C LYS B 137 -2.96 1.91 18.27
N PRO B 138 -2.18 2.53 19.13
CA PRO B 138 -2.78 3.69 19.82
C PRO B 138 -2.96 4.86 18.87
N PRO B 139 -3.91 5.78 19.16
CA PRO B 139 -3.97 7.06 18.47
C PRO B 139 -2.72 7.90 18.67
N GLN B 140 -2.50 8.92 17.83
CA GLN B 140 -1.35 9.79 17.98
C GLN B 140 -1.25 10.40 19.40
N GLN B 141 -2.36 10.81 19.98
CA GLN B 141 -2.32 11.36 21.33
C GLN B 141 -1.97 10.28 22.35
N GLY B 142 -2.24 9.02 22.04
CA GLY B 142 -1.74 7.88 22.84
C GLY B 142 -0.26 7.65 22.77
N ILE B 143 0.26 7.71 21.58
CA ILE B 143 1.69 7.63 21.38
C ILE B 143 2.33 8.78 22.16
N MET B 144 1.72 9.94 22.11
CA MET B 144 2.29 11.11 22.76
C MET B 144 2.25 10.93 24.28
N ALA B 145 1.13 10.47 24.82
CA ALA B 145 1.01 10.26 26.27
C ALA B 145 1.98 9.16 26.73
N HIS B 146 2.13 8.12 25.91
CA HIS B 146 3.03 6.98 26.21
C HIS B 146 4.44 7.47 26.47
N PHE B 147 4.93 8.28 25.54
CA PHE B 147 6.28 8.78 25.62
C PHE B 147 6.48 9.89 26.70
N ARG B 148 5.49 10.76 26.90
CA ARG B 148 5.54 11.74 27.99
C ARG B 148 5.73 11.04 29.33
N ALA B 149 4.88 10.05 29.60
CA ALA B 149 4.91 9.28 30.86
C ALA B 149 6.26 8.55 31.09
N ILE B 150 6.82 7.99 30.02
CA ILE B 150 8.12 7.40 30.10
C ILE B 150 9.23 8.41 30.30
N ALA B 151 9.20 9.51 29.55
CA ALA B 151 10.17 10.56 29.79
C ALA B 151 10.07 11.10 31.24
N ASN B 152 8.85 11.29 31.75
CA ASN B 152 8.63 11.77 33.09
C ASN B 152 9.03 10.77 34.19
N ALA B 153 9.05 9.47 33.89
CA ALA B 153 9.39 8.47 34.91
C ALA B 153 10.89 8.47 35.22
N ALA B 154 11.73 8.93 34.29
CA ALA B 154 13.13 9.14 34.58
C ALA B 154 13.64 10.37 33.81
N PRO B 155 13.33 11.56 34.33
CA PRO B 155 13.51 12.80 33.55
C PRO B 155 14.96 13.13 33.17
N ASP B 156 15.91 12.46 33.79
CA ASP B 156 17.31 12.68 33.57
C ASP B 156 17.97 11.55 32.81
N LEU B 157 17.18 10.67 32.26
CA LEU B 157 17.64 9.63 31.33
C LEU B 157 17.37 9.98 29.88
N PRO B 158 18.41 10.30 29.09
CA PRO B 158 18.25 10.61 27.66
C PRO B 158 17.47 9.53 26.96
N MET B 159 16.67 9.93 25.99
CA MET B 159 15.73 9.03 25.37
C MET B 159 15.75 9.20 23.84
N MET B 160 15.76 8.06 23.16
CA MET B 160 15.75 7.96 21.70
C MET B 160 14.44 7.29 21.36
N LEU B 161 13.57 8.05 20.65
CA LEU B 161 12.34 7.48 20.09
C LEU B 161 12.66 6.56 18.89
N TYR B 162 11.74 5.67 18.56
CA TYR B 162 11.96 4.68 17.45
C TYR B 162 10.66 4.48 16.73
N ASN B 163 10.63 4.91 15.48
CA ASN B 163 9.41 4.84 14.67
C ASN B 163 9.66 3.83 13.57
N ILE B 164 8.84 2.76 13.59
CA ILE B 164 9.01 1.67 12.62
C ILE B 164 7.64 1.09 12.28
N PRO B 165 6.91 1.76 11.39
CA PRO B 165 5.52 1.38 11.06
C PRO B 165 5.36 -0.03 10.55
N GLY B 166 6.35 -0.50 9.78
CA GLY B 166 6.31 -1.87 9.21
C GLY B 166 6.25 -2.97 10.26
N ARG B 167 6.74 -2.72 11.47
CA ARG B 167 6.62 -3.69 12.55
C ARG B 167 5.53 -3.39 13.54
N THR B 168 5.29 -2.12 13.83
CA THR B 168 4.32 -1.75 14.87
C THR B 168 2.90 -1.66 14.38
N GLY B 169 2.74 -1.26 13.09
CA GLY B 169 1.42 -1.12 12.52
C GLY B 169 0.86 0.29 12.57
N ILE B 170 1.63 1.26 13.09
CA ILE B 170 1.24 2.69 13.06
C ILE B 170 2.45 3.58 12.88
N ASN B 171 2.18 4.80 12.46
CA ASN B 171 3.23 5.77 12.22
C ASN B 171 3.11 6.93 13.18
N MET B 172 4.22 7.28 13.81
CA MET B 172 4.31 8.53 14.58
C MET B 172 4.59 9.66 13.60
N THR B 173 3.66 10.61 13.53
CA THR B 173 3.77 11.71 12.58
C THR B 173 4.86 12.70 12.94
N ALA B 174 5.24 13.53 12.00
CA ALA B 174 6.14 14.63 12.22
C ALA B 174 5.67 15.51 13.38
N GLU B 175 4.41 15.90 13.37
CA GLU B 175 3.85 16.79 14.42
C GLU B 175 4.07 16.16 15.81
N THR B 176 3.72 14.89 15.97
CA THR B 176 3.86 14.22 17.23
C THR B 176 5.33 14.20 17.70
N SER B 177 6.24 13.89 16.79
CA SER B 177 7.66 13.79 17.08
C SER B 177 8.23 15.14 17.47
N ILE B 178 7.86 16.18 16.73
CA ILE B 178 8.35 17.53 17.02
C ILE B 178 7.82 17.98 18.38
N LYS B 179 6.51 17.88 18.62
CA LYS B 179 5.89 18.26 19.89
C LYS B 179 6.58 17.55 21.08
N LEU B 180 6.94 16.29 20.93
CA LEU B 180 7.64 15.54 21.98
C LEU B 180 9.05 16.09 22.28
N ALA B 181 9.78 16.43 21.22
CA ALA B 181 11.09 17.06 21.35
C ALA B 181 11.06 18.40 22.09
N GLU B 182 9.95 19.13 22.00
CA GLU B 182 9.78 20.45 22.67
C GLU B 182 9.34 20.34 24.12
N MET B 183 8.47 19.38 24.42
CA MET B 183 7.85 19.21 25.73
C MET B 183 8.81 18.59 26.76
N CYS B 184 9.61 17.62 26.31
CA CYS B 184 10.43 16.80 27.21
C CYS B 184 11.92 16.95 26.85
N PRO B 185 12.70 17.61 27.73
CA PRO B 185 14.08 17.89 27.34
C PRO B 185 15.01 16.70 27.31
N ASN B 186 14.62 15.57 27.92
CA ASN B 186 15.42 14.35 27.84
C ASN B 186 15.16 13.57 26.55
N ILE B 187 14.09 13.88 25.80
CA ILE B 187 13.89 13.27 24.48
C ILE B 187 14.80 14.00 23.45
N VAL B 188 15.96 13.41 23.16
CA VAL B 188 17.03 14.07 22.41
C VAL B 188 17.36 13.40 21.05
N ALA B 189 16.63 12.34 20.69
CA ALA B 189 16.91 11.68 19.42
C ALA B 189 15.74 10.90 18.90
N LEU B 190 15.75 10.65 17.61
CA LEU B 190 14.72 9.87 16.93
C LEU B 190 15.37 8.90 15.93
N KPI B 191 14.97 7.63 16.01
CA KPI B 191 15.42 6.58 15.07
CB KPI B 191 15.73 5.27 15.82
CG KPI B 191 16.05 4.06 14.91
CD KPI B 191 16.38 2.83 15.71
CE KPI B 191 16.67 1.64 14.76
NZ KPI B 191 16.75 0.43 15.57
CX1 KPI B 191 17.03 -0.79 15.24
C1 KPI B 191 17.33 -1.25 13.82
CX2 KPI B 191 16.99 -1.78 16.35
O1 KPI B 191 16.72 -1.47 17.55
O2 KPI B 191 17.18 -2.96 15.94
C KPI B 191 14.25 6.46 14.14
O KPI B 191 13.21 5.92 14.51
N GLU B 192 14.42 6.96 12.93
CA GLU B 192 13.33 6.99 11.94
C GLU B 192 13.53 5.92 10.87
N ALA B 193 12.69 4.90 10.90
CA ALA B 193 12.74 3.80 9.91
C ALA B 193 11.47 3.69 9.09
N SER B 194 10.63 4.75 9.01
CA SER B 194 9.47 4.71 8.14
C SER B 194 9.88 4.73 6.68
N GLY B 195 11.08 5.18 6.37
CA GLY B 195 11.43 5.52 5.02
C GLY B 195 10.71 6.71 4.40
N ASN B 196 9.93 7.48 5.18
CA ASN B 196 9.22 8.65 4.66
C ASN B 196 10.18 9.87 4.75
N LEU B 197 10.59 10.36 3.61
CA LEU B 197 11.62 11.39 3.52
C LEU B 197 11.07 12.77 3.87
N GLU B 198 9.83 13.04 3.50
CA GLU B 198 9.16 14.28 3.85
C GLU B 198 8.97 14.44 5.39
N GLN B 199 8.47 13.41 6.04
CA GLN B 199 8.38 13.32 7.48
C GLN B 199 9.71 13.62 8.15
N PHE B 200 10.75 12.96 7.66
CA PHE B 200 12.10 13.15 8.19
C PHE B 200 12.56 14.62 8.03
N ALA B 201 12.35 15.21 6.87
CA ALA B 201 12.80 16.59 6.61
C ALA B 201 12.06 17.60 7.51
N ARG B 202 10.76 17.36 7.70
CA ARG B 202 9.94 18.23 8.50
C ARG B 202 10.33 18.20 9.97
N ILE B 203 10.64 17.01 10.47
CA ILE B 203 11.08 16.87 11.84
C ILE B 203 12.40 17.62 12.00
N ARG B 204 13.30 17.41 11.05
CA ARG B 204 14.62 18.04 11.05
C ARG B 204 14.56 19.58 11.03
N ARG B 205 13.80 20.10 10.11
CA ARG B 205 13.55 21.58 9.97
C ARG B 205 13.07 22.22 11.28
N ALA B 206 12.20 21.53 12.02
CA ALA B 206 11.47 22.10 13.15
C ALA B 206 12.08 21.84 14.52
N THR B 207 12.96 20.86 14.67
CA THR B 207 13.60 20.58 15.97
C THR B 207 14.88 21.35 16.06
N SER B 208 15.40 21.52 17.27
CA SER B 208 16.67 22.24 17.45
C SER B 208 17.85 21.37 16.96
N PRO B 209 18.97 21.99 16.57
CA PRO B 209 20.08 21.14 16.05
C PRO B 209 20.68 20.18 17.09
N ASP B 210 20.41 20.42 18.37
CA ASP B 210 20.79 19.51 19.43
C ASP B 210 20.01 18.19 19.38
N PHE B 211 18.87 18.18 18.69
CA PHE B 211 18.10 16.96 18.49
C PHE B 211 18.69 16.05 17.38
N ALA B 212 19.02 14.81 17.70
CA ALA B 212 19.65 13.89 16.75
C ALA B 212 18.60 13.14 15.93
N LEU B 213 18.77 13.09 14.62
CA LEU B 213 17.88 12.35 13.73
C LEU B 213 18.71 11.29 13.08
N TYR B 214 18.40 10.04 13.41
CA TYR B 214 19.15 8.88 12.92
C TYR B 214 18.29 8.06 11.94
N SER B 215 18.94 7.61 10.86
CA SER B 215 18.35 6.57 10.00
C SER B 215 18.24 5.28 10.83
N GLY B 216 17.14 4.57 10.66
CA GLY B 216 16.94 3.25 11.27
C GLY B 216 17.16 2.09 10.29
N ASP B 217 17.86 2.39 9.19
CA ASP B 217 17.91 1.55 8.03
C ASP B 217 19.23 1.82 7.29
N ASP B 218 20.15 0.84 7.25
CA ASP B 218 21.50 1.08 6.71
C ASP B 218 21.47 1.63 5.25
N ALA B 219 20.50 1.18 4.47
CA ALA B 219 20.33 1.61 3.08
C ALA B 219 19.86 3.04 2.91
N LEU B 220 19.28 3.61 3.96
CA LEU B 220 18.78 5.02 3.97
C LEU B 220 19.73 6.01 4.64
N THR B 221 20.81 5.53 5.26
CA THR B 221 21.71 6.43 5.96
C THR B 221 22.14 7.57 5.07
N LEU B 222 22.65 7.27 3.88
CA LEU B 222 23.21 8.29 2.99
C LEU B 222 22.20 9.34 2.53
N PRO B 223 21.06 8.94 1.96
CA PRO B 223 20.07 9.97 1.61
C PRO B 223 19.47 10.74 2.80
N LEU B 224 19.36 10.13 3.98
CA LEU B 224 18.92 10.86 5.15
C LEU B 224 19.96 11.88 5.63
N LEU B 225 21.25 11.63 5.37
CA LEU B 225 22.30 12.63 5.63
C LEU B 225 22.07 13.89 4.82
N SER B 226 21.54 13.73 3.61
CA SER B 226 21.28 14.88 2.74
C SER B 226 20.14 15.74 3.29
N LEU B 227 19.26 15.12 4.06
CA LEU B 227 18.18 15.86 4.71
C LEU B 227 18.46 16.15 6.20
N GLY B 228 19.73 16.24 6.58
CA GLY B 228 20.16 16.75 7.90
C GLY B 228 20.35 15.69 8.94
N GLY B 229 20.35 14.45 8.53
CA GLY B 229 20.50 13.34 9.46
C GLY B 229 21.86 13.26 10.07
N ASN B 230 21.93 12.67 11.26
CA ASN B 230 23.15 12.68 12.07
C ASN B 230 23.84 11.34 12.12
N GLY B 231 23.28 10.36 11.37
CA GLY B 231 23.89 9.04 11.29
C GLY B 231 22.86 7.93 11.27
N VAL B 232 23.20 6.84 11.96
CA VAL B 232 22.46 5.63 11.79
C VAL B 232 22.49 4.77 13.04
N VAL B 233 21.36 4.14 13.30
CA VAL B 233 21.26 3.05 14.24
C VAL B 233 21.24 1.79 13.37
N SER B 234 22.38 1.12 13.36
CA SER B 234 22.79 0.19 12.33
C SER B 234 22.83 -1.26 12.80
N VAL B 235 22.49 -2.17 11.87
CA VAL B 235 22.81 -3.58 12.01
C VAL B 235 24.20 -3.87 11.43
N ALA B 236 24.50 -3.28 10.28
CA ALA B 236 25.75 -3.58 9.56
C ALA B 236 27.04 -3.09 10.24
N SER B 237 26.92 -2.24 11.23
CA SER B 237 28.08 -1.77 12.02
C SER B 237 28.68 -2.85 12.93
N HIS B 238 28.01 -4.01 13.07
CA HIS B 238 28.63 -5.22 13.63
C HIS B 238 29.85 -5.61 12.78
N PHE B 239 29.79 -5.35 11.49
CA PHE B 239 30.78 -5.83 10.52
C PHE B 239 31.61 -4.74 9.88
N ILE B 240 31.01 -3.55 9.62
CA ILE B 240 31.69 -2.50 8.89
C ILE B 240 31.55 -1.12 9.53
N GLY B 241 31.52 -1.10 10.86
CA GLY B 241 31.46 0.15 11.59
C GLY B 241 32.42 1.25 11.13
N PRO B 242 33.73 0.94 11.04
CA PRO B 242 34.67 1.99 10.64
C PRO B 242 34.39 2.55 9.25
N GLU B 243 33.86 1.69 8.36
CA GLU B 243 33.54 2.12 6.98
C GLU B 243 32.25 2.98 6.96
N ILE B 244 31.28 2.67 7.82
CA ILE B 244 30.13 3.54 7.95
C ILE B 244 30.55 4.92 8.52
N GLN B 245 31.42 4.95 9.53
CA GLN B 245 32.01 6.21 10.03
C GLN B 245 32.67 7.01 8.88
N ARG B 246 33.44 6.33 8.03
CA ARG B 246 34.17 6.98 6.92
C ARG B 246 33.20 7.61 5.93
N MET B 247 32.12 6.88 5.60
CA MET B 247 31.06 7.40 4.73
C MET B 247 30.46 8.71 5.29
N ILE B 248 30.10 8.70 6.55
CA ILE B 248 29.47 9.85 7.18
C ILE B 248 30.48 11.02 7.21
N GLU B 249 31.73 10.70 7.55
CA GLU B 249 32.80 11.68 7.60
C GLU B 249 32.98 12.39 6.21
N HIS B 250 33.04 11.60 5.13
CA HIS B 250 33.21 12.15 3.76
C HIS B 250 32.08 13.12 3.40
N PHE B 251 30.86 12.74 3.77
CA PHE B 251 29.67 13.51 3.44
C PHE B 251 29.52 14.78 4.29
N VAL B 252 29.60 14.65 5.61
CA VAL B 252 29.26 15.76 6.52
C VAL B 252 30.45 16.68 6.74
N ASP B 253 31.63 16.13 6.95
CA ASP B 253 32.83 16.88 7.32
C ASP B 253 33.69 17.35 6.15
N LEU B 254 33.95 16.48 5.19
CA LEU B 254 34.99 16.68 4.19
C LEU B 254 34.46 17.15 2.82
N GLY B 255 33.13 17.23 2.66
CA GLY B 255 32.53 17.72 1.43
C GLY B 255 32.75 16.83 0.22
N ASN B 256 32.70 15.50 0.42
CA ASN B 256 32.96 14.54 -0.64
C ASN B 256 31.74 13.57 -0.71
N PRO B 257 30.57 14.05 -1.19
CA PRO B 257 29.44 13.12 -1.43
C PRO B 257 29.73 12.00 -2.44
N GLU B 258 30.61 12.24 -3.40
CA GLU B 258 30.98 11.22 -4.38
C GLU B 258 31.59 10.02 -3.62
N GLU B 259 32.53 10.29 -2.73
CA GLU B 259 33.15 9.21 -1.91
C GLU B 259 32.22 8.54 -0.90
N ALA B 260 31.30 9.31 -0.32
CA ALA B 260 30.26 8.72 0.53
C ALA B 260 29.47 7.69 -0.26
N PHE B 261 29.11 8.05 -1.48
CA PHE B 261 28.33 7.20 -2.33
C PHE B 261 29.10 5.97 -2.84
N ARG B 262 30.40 6.15 -3.11
CA ARG B 262 31.26 5.04 -3.45
C ARG B 262 31.18 4.00 -2.33
N ILE B 263 31.17 4.43 -1.06
CA ILE B 263 31.08 3.48 0.06
C ILE B 263 29.72 2.86 0.17
N HIS B 264 28.67 3.67 0.03
CA HIS B 264 27.30 3.12 0.05
C HIS B 264 27.18 2.02 -0.99
N CYS B 265 27.70 2.26 -2.19
CA CYS B 265 27.71 1.30 -3.28
C CYS B 265 28.43 0.00 -2.98
N ARG B 266 29.63 0.10 -2.38
CA ARG B 266 30.43 -1.10 -2.00
C ARG B 266 29.54 -2.00 -1.12
N TYR B 267 28.72 -1.42 -0.24
CA TYR B 267 27.98 -2.21 0.75
C TYR B 267 26.48 -2.42 0.54
N MET B 268 25.92 -2.01 -0.60
CA MET B 268 24.48 -2.22 -0.89
C MET B 268 24.07 -3.68 -0.87
N ASP B 269 24.89 -4.56 -1.45
CA ASP B 269 24.57 -5.99 -1.47
C ASP B 269 24.51 -6.57 -0.07
N LEU B 270 25.44 -6.17 0.79
CA LEU B 270 25.45 -6.59 2.19
C LEU B 270 24.20 -6.05 2.89
N PHE B 271 23.89 -4.77 2.72
CA PHE B 271 22.64 -4.23 3.27
C PHE B 271 21.42 -5.00 2.82
N GLU B 272 21.33 -5.32 1.52
CA GLU B 272 20.18 -6.10 0.99
C GLU B 272 20.20 -7.49 1.66
N ALA B 273 21.36 -8.15 1.67
CA ALA B 273 21.52 -9.48 2.23
C ALA B 273 21.13 -9.61 3.70
N LEU B 274 21.37 -8.54 4.48
CA LEU B 274 21.01 -8.52 5.89
C LEU B 274 19.53 -8.48 6.14
N PHE B 275 18.70 -8.24 5.11
CA PHE B 275 17.22 -8.20 5.27
C PHE B 275 16.44 -9.16 4.39
N VAL B 276 17.13 -10.08 3.72
CA VAL B 276 16.46 -11.07 2.86
C VAL B 276 15.53 -12.00 3.68
N MET B 277 15.84 -12.18 4.96
CA MET B 277 14.87 -12.67 5.91
C MET B 277 14.88 -11.65 7.02
N ALA B 278 13.90 -11.74 7.89
CA ALA B 278 13.75 -10.76 8.95
C ALA B 278 14.93 -10.68 9.91
N ASN B 279 15.32 -9.44 10.17
CA ASN B 279 16.38 -9.11 11.11
C ASN B 279 15.94 -9.61 12.48
N PRO B 280 16.80 -10.29 13.25
CA PRO B 280 18.24 -10.50 13.02
C PRO B 280 18.66 -11.88 12.47
N ILE B 281 17.80 -12.55 11.71
CA ILE B 281 18.20 -13.87 11.24
C ILE B 281 19.51 -13.78 10.44
N PRO B 282 19.61 -12.87 9.46
CA PRO B 282 20.88 -12.79 8.70
C PRO B 282 22.06 -12.25 9.49
N ALA B 283 21.82 -11.23 10.29
CA ALA B 283 22.84 -10.67 11.20
C ALA B 283 23.51 -11.74 12.03
N LYS B 284 22.71 -12.57 12.70
CA LYS B 284 23.25 -13.70 13.49
C LYS B 284 23.98 -14.72 12.64
N ALA B 285 23.43 -15.06 11.46
CA ALA B 285 24.16 -15.98 10.58
C ALA B 285 25.53 -15.43 10.14
N ALA B 286 25.60 -14.13 9.90
CA ALA B 286 26.86 -13.48 9.47
C ALA B 286 27.91 -13.52 10.58
N LEU B 287 27.46 -13.25 11.79
CA LEU B 287 28.33 -13.31 12.95
C LEU B 287 28.87 -14.74 13.17
N ARG B 288 28.01 -15.76 13.10
CA ARG B 288 28.45 -17.18 13.15
C ARG B 288 29.51 -17.49 12.08
N LEU B 289 29.31 -17.05 10.84
CA LEU B 289 30.30 -17.21 9.76
C LEU B 289 31.62 -16.49 10.00
N LEU B 290 31.61 -15.41 10.75
CA LEU B 290 32.83 -14.71 11.13
C LEU B 290 33.55 -15.24 12.41
N GLY B 291 33.07 -16.35 12.99
CA GLY B 291 33.64 -16.90 14.22
C GLY B 291 33.09 -16.38 15.55
N TRP B 292 32.01 -15.59 15.51
CA TRP B 292 31.31 -15.14 16.72
C TRP B 292 30.20 -16.16 17.04
N PRO B 293 30.33 -16.93 18.15
CA PRO B 293 29.33 -17.96 18.44
C PRO B 293 28.08 -17.38 19.09
N VAL B 294 27.31 -16.67 18.30
CA VAL B 294 26.13 -15.97 18.82
C VAL B 294 24.87 -16.84 18.91
N GLY B 295 24.96 -18.11 18.48
CA GLY B 295 23.90 -19.08 18.64
C GLY B 295 22.77 -18.91 17.66
N PRO B 296 21.69 -19.69 17.87
CA PRO B 296 20.50 -19.53 17.06
C PRO B 296 19.67 -18.29 17.52
N THR B 297 18.55 -18.06 16.88
CA THR B 297 17.50 -17.18 17.33
C THR B 297 16.50 -18.04 18.09
N ARG B 298 15.60 -17.39 18.83
CA ARG B 298 14.51 -18.06 19.52
C ARG B 298 13.23 -18.02 18.73
N LEU B 299 12.44 -19.08 18.86
CA LEU B 299 11.13 -19.13 18.25
C LEU B 299 10.32 -17.88 18.67
N PRO B 300 9.59 -17.25 17.74
CA PRO B 300 9.22 -17.84 16.45
C PRO B 300 10.20 -17.57 15.29
N LEU B 301 11.37 -17.04 15.54
CA LEU B 301 12.36 -16.88 14.46
C LEU B 301 13.05 -18.23 14.24
N THR B 302 13.05 -18.72 13.01
CA THR B 302 13.67 -19.98 12.65
C THR B 302 14.99 -19.71 11.96
N ASP B 303 15.71 -20.77 11.63
CA ASP B 303 17.03 -20.65 11.05
C ASP B 303 16.95 -20.05 9.64
N ILE B 304 18.02 -19.41 9.26
CA ILE B 304 18.25 -18.91 7.91
C ILE B 304 18.19 -20.11 6.95
N THR B 305 17.61 -19.92 5.76
CA THR B 305 17.59 -20.96 4.70
C THR B 305 18.94 -21.02 3.99
N ALA B 306 19.18 -22.14 3.33
CA ALA B 306 20.40 -22.33 2.56
C ALA B 306 20.52 -21.20 1.51
N SER B 307 19.39 -20.86 0.88
CA SER B 307 19.35 -19.83 -0.15
C SER B 307 19.74 -18.43 0.35
N ALA B 308 19.21 -18.04 1.50
CA ALA B 308 19.54 -16.76 2.12
C ALA B 308 20.98 -16.73 2.65
N GLU B 309 21.43 -17.85 3.21
CA GLU B 309 22.82 -17.97 3.67
C GLU B 309 23.79 -17.84 2.48
N GLN B 310 23.48 -18.42 1.32
CA GLN B 310 24.39 -18.33 0.15
C GLN B 310 24.50 -16.86 -0.31
N GLN B 311 23.37 -16.16 -0.43
CA GLN B 311 23.35 -14.75 -0.82
C GLN B 311 24.15 -13.88 0.18
N LEU B 312 24.00 -14.21 1.45
CA LEU B 312 24.71 -13.51 2.52
C LEU B 312 26.20 -13.76 2.45
N ARG B 313 26.55 -15.04 2.32
CA ARG B 313 27.95 -15.47 2.25
C ARG B 313 28.63 -14.82 1.06
N GLN B 314 28.00 -14.87 -0.11
CA GLN B 314 28.53 -14.23 -1.34
C GLN B 314 28.74 -12.71 -1.11
N ALA B 315 27.75 -12.02 -0.54
CA ALA B 315 27.84 -10.58 -0.32
C ALA B 315 29.00 -10.24 0.62
N MET B 316 29.18 -11.04 1.65
CA MET B 316 30.32 -10.90 2.57
C MET B 316 31.70 -11.14 1.92
N ILE B 317 31.79 -12.14 1.03
CA ILE B 317 33.05 -12.38 0.33
C ILE B 317 33.39 -11.16 -0.51
N ALA B 318 32.47 -10.73 -1.36
CA ALA B 318 32.66 -9.52 -2.22
C ALA B 318 32.96 -8.24 -1.41
N ALA B 319 32.41 -8.13 -0.18
CA ALA B 319 32.72 -7.01 0.69
C ALA B 319 34.04 -7.14 1.44
N GLY B 320 34.78 -8.24 1.22
CA GLY B 320 36.07 -8.45 1.86
C GLY B 320 36.04 -8.88 3.32
N LEU B 321 34.94 -9.48 3.77
CA LEU B 321 34.75 -9.86 5.19
C LEU B 321 35.10 -11.32 5.52
N LEU B 322 35.06 -12.21 4.52
CA LEU B 322 35.68 -13.56 4.62
C LEU B 322 36.65 -13.84 3.48
N LYS C 25 -35.18 -6.79 -14.65
CA LYS C 25 -35.06 -5.67 -13.68
C LYS C 25 -33.91 -4.74 -14.11
N HIS C 26 -32.75 -5.27 -14.55
CA HIS C 26 -31.64 -4.34 -14.94
C HIS C 26 -31.36 -4.37 -16.43
N PHE C 27 -31.20 -3.18 -17.01
CA PHE C 27 -31.06 -3.03 -18.47
C PHE C 27 -29.87 -3.83 -19.01
N PHE C 28 -28.71 -3.72 -18.36
CA PHE C 28 -27.55 -4.48 -18.80
C PHE C 28 -27.46 -5.95 -18.25
N GLY C 29 -28.44 -6.42 -17.48
CA GLY C 29 -28.46 -7.84 -17.07
C GLY C 29 -27.52 -8.22 -15.93
N ARG C 30 -27.06 -9.46 -15.92
CA ARG C 30 -26.20 -10.02 -14.86
C ARG C 30 -24.78 -10.30 -15.27
N VAL C 31 -24.57 -10.71 -16.53
CA VAL C 31 -23.24 -11.03 -17.04
C VAL C 31 -22.96 -10.21 -18.29
N ILE C 32 -21.96 -9.35 -18.21
CA ILE C 32 -21.53 -8.50 -19.29
C ILE C 32 -20.11 -8.92 -19.66
N THR C 33 -19.87 -9.33 -20.91
CA THR C 33 -18.56 -9.76 -21.30
C THR C 33 -17.78 -8.60 -21.89
N ALA C 34 -16.57 -8.39 -21.38
CA ALA C 34 -15.62 -7.43 -21.96
C ALA C 34 -14.90 -8.03 -23.15
N LEU C 35 -15.44 -7.82 -24.34
CA LEU C 35 -14.96 -8.50 -25.55
C LEU C 35 -13.51 -8.22 -25.92
N VAL C 36 -12.72 -9.26 -26.21
CA VAL C 36 -11.39 -9.03 -26.79
C VAL C 36 -11.62 -8.56 -28.24
N THR C 37 -10.64 -7.85 -28.75
CA THR C 37 -10.65 -7.34 -30.13
C THR C 37 -9.74 -8.20 -31.00
N PRO C 38 -10.33 -9.03 -31.91
CA PRO C 38 -9.49 -9.83 -32.81
C PRO C 38 -8.63 -9.03 -33.76
N PHE C 39 -7.37 -9.38 -33.94
CA PHE C 39 -6.53 -8.79 -34.97
C PHE C 39 -6.07 -9.87 -35.92
N LYS C 40 -5.77 -9.52 -37.15
CA LYS C 40 -5.09 -10.40 -38.11
C LYS C 40 -3.64 -10.59 -37.70
N LEU C 41 -2.98 -11.55 -38.33
CA LEU C 41 -1.68 -12.13 -37.89
C LEU C 41 -0.58 -11.16 -37.48
N THR C 42 -0.40 -10.08 -38.23
CA THR C 42 0.60 -9.05 -37.86
C THR C 42 0.15 -8.11 -36.72
N GLY C 43 -1.12 -8.07 -36.42
CA GLY C 43 -1.67 -7.08 -35.47
C GLY C 43 -2.09 -5.79 -36.10
N VAL C 44 -1.73 -5.57 -37.36
CA VAL C 44 -1.95 -4.29 -38.01
C VAL C 44 -3.43 -4.00 -38.30
N GLU C 45 -4.21 -5.02 -38.63
CA GLU C 45 -5.65 -4.81 -38.89
C GLU C 45 -6.54 -5.57 -37.93
N VAL C 46 -7.72 -5.05 -37.69
CA VAL C 46 -8.75 -5.72 -36.94
C VAL C 46 -9.34 -6.79 -37.84
N ASP C 47 -9.74 -7.91 -37.26
CA ASP C 47 -10.51 -8.91 -37.98
C ASP C 47 -11.99 -8.78 -37.56
N TYR C 48 -12.72 -7.95 -38.29
CA TYR C 48 -14.12 -7.69 -37.99
C TYR C 48 -14.99 -8.97 -38.07
N GLY C 49 -14.64 -9.87 -38.97
CA GLY C 49 -15.34 -11.16 -39.17
C GLY C 49 -15.29 -12.04 -37.93
N VAL C 50 -14.10 -12.21 -37.38
CA VAL C 50 -13.94 -12.98 -36.14
C VAL C 50 -14.68 -12.26 -34.97
N ALA C 51 -14.65 -10.93 -34.97
CA ALA C 51 -15.39 -10.13 -33.99
C ALA C 51 -16.90 -10.43 -34.03
N GLU C 52 -17.45 -10.49 -35.24
CA GLU C 52 -18.87 -10.79 -35.41
C GLU C 52 -19.22 -12.15 -34.84
N SER C 53 -18.52 -13.18 -35.27
CA SER C 53 -18.94 -14.52 -34.89
C SER C 53 -18.66 -14.74 -33.38
N LEU C 54 -17.59 -14.18 -32.86
CA LEU C 54 -17.33 -14.25 -31.40
C LEU C 54 -18.45 -13.56 -30.61
N ALA C 55 -18.92 -12.40 -31.06
CA ALA C 55 -20.00 -11.69 -30.36
C ALA C 55 -21.34 -12.44 -30.41
N ALA C 56 -21.66 -13.02 -31.57
CA ALA C 56 -22.84 -13.90 -31.73
C ALA C 56 -22.79 -15.10 -30.80
N HIS C 57 -21.62 -15.71 -30.70
CA HIS C 57 -21.38 -16.82 -29.77
C HIS C 57 -21.62 -16.39 -28.29
N LEU C 58 -21.18 -15.20 -27.90
CA LEU C 58 -21.38 -14.78 -26.53
C LEU C 58 -22.88 -14.53 -26.27
N ALA C 59 -23.58 -13.94 -27.25
CA ALA C 59 -24.99 -13.64 -27.06
C ALA C 59 -25.85 -14.89 -26.85
N GLU C 60 -25.40 -16.03 -27.39
CA GLU C 60 -26.08 -17.31 -27.21
C GLU C 60 -25.47 -18.16 -26.08
N ASN C 61 -24.59 -17.58 -25.26
CA ASN C 61 -23.90 -18.30 -24.18
C ASN C 61 -23.75 -17.46 -22.91
N GLY C 62 -24.87 -16.83 -22.54
CA GLY C 62 -24.97 -16.15 -21.27
C GLY C 62 -24.49 -14.72 -21.15
N SER C 63 -23.91 -14.13 -22.16
CA SER C 63 -23.72 -12.68 -22.16
C SER C 63 -25.07 -11.94 -22.35
N ASP C 64 -25.51 -11.23 -21.30
CA ASP C 64 -26.68 -10.33 -21.38
C ASP C 64 -26.31 -9.02 -22.09
N ALA C 65 -25.02 -8.69 -22.04
CA ALA C 65 -24.48 -7.50 -22.65
C ALA C 65 -23.02 -7.72 -23.02
N ILE C 66 -22.52 -6.96 -23.97
CA ILE C 66 -21.14 -7.04 -24.40
C ILE C 66 -20.55 -5.64 -24.43
N ILE C 67 -19.33 -5.48 -23.90
CA ILE C 67 -18.56 -4.26 -24.01
C ILE C 67 -17.51 -4.37 -25.09
N VAL C 68 -17.58 -3.42 -26.02
CA VAL C 68 -16.75 -3.42 -27.20
C VAL C 68 -15.67 -2.35 -27.03
N ALA C 69 -14.44 -2.76 -27.29
CA ALA C 69 -13.33 -1.85 -27.29
C ALA C 69 -13.07 -1.17 -25.94
N GLY C 70 -13.30 -1.89 -24.84
CA GLY C 70 -12.83 -1.50 -23.51
C GLY C 70 -11.40 -2.01 -23.25
N THR C 71 -11.02 -2.12 -21.96
CA THR C 71 -9.64 -2.48 -21.61
C THR C 71 -9.23 -3.84 -22.23
N THR C 72 -10.17 -4.79 -22.11
CA THR C 72 -9.93 -6.16 -22.52
C THR C 72 -9.87 -6.21 -24.03
N GLY C 73 -10.57 -5.25 -24.67
CA GLY C 73 -10.53 -5.05 -26.10
C GLY C 73 -9.38 -4.21 -26.63
N GLU C 74 -8.38 -3.92 -25.80
CA GLU C 74 -7.18 -3.22 -26.20
C GLU C 74 -7.47 -1.78 -26.65
N SER C 75 -8.42 -1.16 -25.96
CA SER C 75 -8.80 0.23 -26.22
C SER C 75 -7.63 1.18 -26.51
N ALA C 76 -6.61 1.13 -25.69
CA ALA C 76 -5.44 1.99 -25.84
C ALA C 76 -4.75 1.95 -27.22
N THR C 77 -4.74 0.80 -27.87
CA THR C 77 -4.03 0.68 -29.14
C THR C 77 -4.96 0.65 -30.33
N LEU C 78 -6.27 0.71 -30.11
CA LEU C 78 -7.23 0.95 -31.20
C LEU C 78 -7.27 2.44 -31.52
N THR C 79 -7.45 2.77 -32.79
CA THR C 79 -7.84 4.15 -33.22
C THR C 79 -9.34 4.30 -33.02
N TRP C 80 -9.80 5.55 -33.01
CA TRP C 80 -11.24 5.83 -32.88
C TRP C 80 -12.03 5.20 -34.06
N SER C 81 -11.51 5.24 -35.27
CA SER C 81 -12.19 4.61 -36.41
C SER C 81 -12.37 3.12 -36.20
N GLU C 82 -11.30 2.45 -35.79
CA GLU C 82 -11.38 1.02 -35.48
C GLU C 82 -12.51 0.74 -34.46
N GLU C 83 -12.58 1.58 -33.43
CA GLU C 83 -13.62 1.44 -32.41
C GLU C 83 -15.02 1.58 -33.00
N TYR C 84 -15.20 2.61 -33.82
CA TYR C 84 -16.51 2.89 -34.39
C TYR C 84 -16.99 1.75 -35.33
N GLU C 85 -16.05 1.17 -36.07
CA GLU C 85 -16.39 0.05 -36.94
C GLU C 85 -16.74 -1.22 -36.11
N LEU C 86 -15.91 -1.49 -35.10
CA LEU C 86 -16.20 -2.53 -34.12
C LEU C 86 -17.58 -2.40 -33.47
N PHE C 87 -17.99 -1.17 -33.16
CA PHE C 87 -19.31 -0.93 -32.58
C PHE C 87 -20.39 -1.33 -33.59
N ARG C 88 -20.22 -0.90 -34.84
CA ARG C 88 -21.22 -1.11 -35.86
C ARG C 88 -21.36 -2.61 -36.09
N VAL C 89 -20.21 -3.27 -36.22
CA VAL C 89 -20.17 -4.68 -36.59
C VAL C 89 -20.77 -5.58 -35.47
N VAL C 90 -20.37 -5.32 -34.23
CA VAL C 90 -20.88 -6.04 -33.09
C VAL C 90 -22.40 -5.84 -32.90
N LYS C 91 -22.90 -4.63 -33.09
CA LYS C 91 -24.34 -4.38 -33.00
C LYS C 91 -25.13 -5.28 -34.02
N SER C 92 -24.63 -5.42 -35.25
CA SER C 92 -25.31 -6.28 -36.25
C SER C 92 -25.14 -7.76 -35.97
N ALA C 93 -23.99 -8.15 -35.46
CA ALA C 93 -23.76 -9.55 -35.05
C ALA C 93 -24.77 -10.08 -34.04
N VAL C 94 -25.33 -9.22 -33.19
CA VAL C 94 -26.23 -9.64 -32.12
C VAL C 94 -27.70 -9.18 -32.29
N ALA C 95 -28.02 -8.52 -33.41
CA ALA C 95 -29.41 -8.29 -33.81
C ALA C 95 -30.19 -9.64 -33.85
N GLY C 96 -31.43 -9.62 -33.38
CA GLY C 96 -32.25 -10.81 -33.17
C GLY C 96 -32.31 -11.22 -31.70
N THR C 97 -31.25 -10.91 -30.94
CA THR C 97 -31.14 -11.31 -29.53
C THR C 97 -31.45 -10.12 -28.66
N LYS C 98 -31.61 -10.34 -27.36
CA LYS C 98 -31.78 -9.25 -26.37
C LYS C 98 -30.42 -8.68 -25.90
N CYS C 99 -29.31 -9.17 -26.46
CA CYS C 99 -27.97 -8.84 -26.00
C CYS C 99 -27.62 -7.38 -26.29
N ARG C 100 -27.30 -6.64 -25.22
CA ARG C 100 -27.03 -5.21 -25.30
C ARG C 100 -25.57 -4.95 -25.67
N VAL C 101 -25.33 -3.91 -26.49
CA VAL C 101 -24.00 -3.62 -26.97
C VAL C 101 -23.60 -2.28 -26.43
N ILE C 102 -22.49 -2.29 -25.72
CA ILE C 102 -22.00 -1.19 -24.98
C ILE C 102 -20.69 -0.74 -25.59
N ALA C 103 -20.60 0.57 -25.85
CA ALA C 103 -19.37 1.15 -26.37
C ALA C 103 -18.41 1.48 -25.22
N GLY C 104 -17.18 0.95 -25.33
CA GLY C 104 -16.08 1.39 -24.47
C GLY C 104 -15.60 2.70 -25.04
N ALA C 105 -16.19 3.80 -24.55
CA ALA C 105 -16.08 5.10 -25.15
C ALA C 105 -15.44 6.10 -24.20
N GLY C 106 -14.81 5.60 -23.14
CA GLY C 106 -14.18 6.46 -22.16
C GLY C 106 -12.83 7.00 -22.56
N SER C 107 -12.38 7.98 -21.79
CA SER C 107 -11.08 8.56 -22.01
C SER C 107 -10.72 9.36 -20.80
N ASN C 108 -9.43 9.69 -20.72
CA ASN C 108 -8.90 10.66 -19.75
C ASN C 108 -9.00 12.09 -20.25
N SER C 109 -9.44 12.27 -21.52
CA SER C 109 -9.90 13.57 -22.06
C SER C 109 -11.42 13.63 -22.18
N THR C 110 -12.05 14.56 -21.47
CA THR C 110 -13.49 14.72 -21.54
C THR C 110 -13.98 15.01 -22.98
N GLU C 111 -13.26 15.88 -23.70
CA GLU C 111 -13.60 16.20 -25.10
C GLU C 111 -13.64 14.90 -25.97
N GLU C 112 -12.63 14.02 -25.83
CA GLU C 112 -12.57 12.79 -26.60
C GLU C 112 -13.73 11.85 -26.19
N ALA C 113 -14.04 11.79 -24.90
CA ALA C 113 -15.12 10.95 -24.42
C ALA C 113 -16.45 11.41 -24.90
N ILE C 114 -16.65 12.71 -24.85
CA ILE C 114 -17.82 13.35 -25.45
C ILE C 114 -17.97 13.01 -26.93
N GLU C 115 -16.91 13.12 -27.72
CA GLU C 115 -17.02 12.83 -29.17
C GLU C 115 -17.40 11.37 -29.38
N ALA C 116 -16.76 10.46 -28.63
CA ALA C 116 -17.03 9.03 -28.84
C ALA C 116 -18.44 8.64 -28.39
N THR C 117 -18.91 9.28 -27.32
CA THR C 117 -20.25 9.03 -26.78
C THR C 117 -21.32 9.50 -27.73
N LYS C 118 -21.10 10.67 -28.36
CA LYS C 118 -22.02 11.15 -29.40
C LYS C 118 -22.04 10.20 -30.57
N LYS C 119 -20.89 9.68 -31.00
CA LYS C 119 -20.84 8.72 -32.11
C LYS C 119 -21.61 7.45 -31.76
N SER C 120 -21.48 6.99 -30.52
CA SER C 120 -22.22 5.80 -30.05
C SER C 120 -23.72 6.01 -30.07
N ALA C 121 -24.16 7.22 -29.73
CA ALA C 121 -25.58 7.57 -29.81
C ALA C 121 -26.07 7.51 -31.26
N LYS C 122 -25.35 8.16 -32.18
CA LYS C 122 -25.76 8.21 -33.61
C LYS C 122 -25.76 6.79 -34.23
N LEU C 123 -24.90 5.89 -33.75
CA LEU C 123 -24.85 4.50 -34.24
C LEU C 123 -25.94 3.61 -33.66
N GLY C 124 -26.65 4.06 -32.62
CA GLY C 124 -27.72 3.28 -32.02
C GLY C 124 -27.28 2.12 -31.11
N LEU C 125 -26.11 2.25 -30.49
CA LEU C 125 -25.69 1.32 -29.45
C LEU C 125 -26.57 1.43 -28.20
N ASP C 126 -26.53 0.41 -27.32
CA ASP C 126 -27.45 0.39 -26.17
C ASP C 126 -26.95 1.20 -24.97
N GLY C 127 -25.67 1.56 -24.97
CA GLY C 127 -25.11 2.29 -23.86
C GLY C 127 -23.61 2.51 -24.01
N THR C 128 -23.00 3.20 -23.04
CA THR C 128 -21.55 3.32 -23.00
C THR C 128 -21.01 2.88 -21.65
N LEU C 129 -19.73 2.48 -21.68
CA LEU C 129 -18.91 2.26 -20.49
C LEU C 129 -17.91 3.40 -20.41
N GLN C 130 -17.80 3.99 -19.23
CA GLN C 130 -17.00 5.19 -19.05
C GLN C 130 -16.06 5.06 -17.85
N VAL C 131 -14.78 4.85 -18.15
CA VAL C 131 -13.73 4.76 -17.16
C VAL C 131 -13.44 6.09 -16.51
N VAL C 132 -13.09 6.06 -15.23
CA VAL C 132 -12.55 7.17 -14.50
C VAL C 132 -11.27 7.56 -15.22
N PRO C 133 -11.03 8.87 -15.39
CA PRO C 133 -9.82 9.23 -16.11
C PRO C 133 -8.56 8.64 -15.54
N TYR C 134 -7.76 8.08 -16.43
CA TYR C 134 -6.49 7.42 -16.14
C TYR C 134 -5.34 8.36 -16.39
N TYR C 135 -4.26 8.19 -15.63
CA TYR C 135 -2.98 8.88 -15.86
C TYR C 135 -2.91 10.36 -15.36
N ASN C 136 -3.97 11.16 -15.59
CA ASN C 136 -3.93 12.60 -15.33
C ASN C 136 -4.50 12.99 -13.95
N LYS C 137 -5.00 12.00 -13.21
CA LYS C 137 -5.39 12.12 -11.80
C LYS C 137 -6.24 13.34 -11.47
N PRO C 138 -7.45 13.39 -12.04
CA PRO C 138 -8.28 14.51 -11.68
C PRO C 138 -8.75 14.46 -10.24
N PRO C 139 -9.05 15.66 -9.66
CA PRO C 139 -9.77 15.69 -8.38
C PRO C 139 -11.16 15.07 -8.47
N GLN C 140 -11.77 14.77 -7.34
CA GLN C 140 -13.13 14.21 -7.31
C GLN C 140 -14.13 15.08 -8.07
N GLN C 141 -14.06 16.38 -7.91
CA GLN C 141 -14.97 17.27 -8.64
C GLN C 141 -14.67 17.24 -10.14
N GLY C 142 -13.44 16.92 -10.52
CA GLY C 142 -13.10 16.68 -11.93
C GLY C 142 -13.68 15.42 -12.51
N ILE C 143 -13.59 14.34 -11.75
CA ILE C 143 -14.22 13.11 -12.15
C ILE C 143 -15.71 13.37 -12.30
N MET C 144 -16.28 14.15 -11.39
CA MET C 144 -17.70 14.38 -11.40
C MET C 144 -18.08 15.20 -12.60
N ALA C 145 -17.33 16.27 -12.89
CA ALA C 145 -17.62 17.13 -14.06
C ALA C 145 -17.45 16.33 -15.36
N HIS C 146 -16.43 15.47 -15.40
CA HIS C 146 -16.13 14.63 -16.58
C HIS C 146 -17.35 13.82 -16.96
N PHE C 147 -17.90 13.12 -15.97
CA PHE C 147 -19.05 12.27 -16.19
C PHE C 147 -20.38 13.02 -16.41
N ARG C 148 -20.60 14.14 -15.74
CA ARG C 148 -21.77 15.01 -16.00
C ARG C 148 -21.81 15.40 -17.47
N ALA C 149 -20.71 15.93 -17.96
CA ALA C 149 -20.58 16.38 -19.35
C ALA C 149 -20.81 15.25 -20.39
N ILE C 150 -20.29 14.07 -20.09
CA ILE C 150 -20.54 12.90 -20.90
C ILE C 150 -22.00 12.44 -20.84
N ALA C 151 -22.56 12.38 -19.65
CA ALA C 151 -24.00 12.07 -19.53
C ALA C 151 -24.86 13.08 -20.29
N ASN C 152 -24.51 14.38 -20.17
CA ASN C 152 -25.24 15.44 -20.87
C ASN C 152 -25.06 15.42 -22.39
N ALA C 153 -23.97 14.87 -22.91
CA ALA C 153 -23.72 14.85 -24.36
C ALA C 153 -24.63 13.86 -25.07
N ALA C 154 -25.11 12.83 -24.37
CA ALA C 154 -26.16 11.98 -24.93
C ALA C 154 -27.12 11.53 -23.81
N PRO C 155 -28.03 12.42 -23.41
CA PRO C 155 -28.81 12.22 -22.18
C PRO C 155 -29.73 10.99 -22.18
N ASP C 156 -29.97 10.40 -23.35
CA ASP C 156 -30.83 9.26 -23.49
C ASP C 156 -30.07 7.96 -23.70
N LEU C 157 -28.74 8.01 -23.62
CA LEU C 157 -27.89 6.85 -23.71
C LEU C 157 -27.43 6.34 -22.34
N PRO C 158 -27.93 5.14 -21.91
CA PRO C 158 -27.55 4.57 -20.64
C PRO C 158 -26.05 4.48 -20.49
N MET C 159 -25.59 4.66 -19.27
CA MET C 159 -24.17 4.76 -19.00
C MET C 159 -23.78 3.92 -17.80
N MET C 160 -22.66 3.21 -17.96
CA MET C 160 -22.05 2.42 -16.92
C MET C 160 -20.71 3.07 -16.61
N LEU C 161 -20.56 3.58 -15.38
CA LEU C 161 -19.28 4.06 -14.87
C LEU C 161 -18.30 2.87 -14.61
N TYR C 162 -17.00 3.12 -14.56
CA TYR C 162 -15.98 2.09 -14.36
C TYR C 162 -14.87 2.63 -13.49
N ASN C 163 -14.73 2.05 -12.30
CA ASN C 163 -13.73 2.52 -11.34
C ASN C 163 -12.70 1.43 -11.18
N ILE C 164 -11.46 1.77 -11.54
CA ILE C 164 -10.36 0.80 -11.47
C ILE C 164 -9.07 1.50 -11.12
N PRO C 165 -8.86 1.75 -9.80
CA PRO C 165 -7.72 2.53 -9.31
C PRO C 165 -6.37 1.97 -9.72
N GLY C 166 -6.27 0.62 -9.78
CA GLY C 166 -5.04 -0.07 -10.18
C GLY C 166 -4.51 0.32 -11.56
N ARG C 167 -5.39 0.68 -12.46
CA ARG C 167 -5.00 1.14 -13.80
C ARG C 167 -5.02 2.64 -13.98
N THR C 168 -5.95 3.32 -13.34
CA THR C 168 -6.10 4.76 -13.53
C THR C 168 -5.21 5.60 -12.64
N GLY C 169 -4.95 5.11 -11.44
CA GLY C 169 -4.14 5.83 -10.46
C GLY C 169 -4.92 6.72 -9.51
N ILE C 170 -6.26 6.66 -9.56
CA ILE C 170 -7.14 7.38 -8.60
C ILE C 170 -8.40 6.57 -8.36
N ASN C 171 -9.09 6.89 -7.29
CA ASN C 171 -10.29 6.22 -6.91
C ASN C 171 -11.46 7.18 -6.93
N MET C 172 -12.55 6.76 -7.57
CA MET C 172 -13.83 7.46 -7.47
C MET C 172 -14.50 7.00 -6.16
N THR C 173 -14.70 7.96 -5.25
CA THR C 173 -15.25 7.65 -3.94
C THR C 173 -16.73 7.26 -3.99
N ALA C 174 -17.20 6.66 -2.91
CA ALA C 174 -18.61 6.43 -2.70
C ALA C 174 -19.47 7.69 -2.91
N GLU C 175 -19.06 8.79 -2.28
N GLU C 175 -19.05 8.79 -2.28
CA GLU C 175 -19.80 10.05 -2.35
CA GLU C 175 -19.78 10.07 -2.35
C GLU C 175 -19.97 10.49 -3.81
C GLU C 175 -19.97 10.48 -3.82
N THR C 176 -18.88 10.47 -4.57
CA THR C 176 -18.91 10.90 -5.94
C THR C 176 -19.85 10.02 -6.77
N SER C 177 -19.77 8.71 -6.57
CA SER C 177 -20.58 7.73 -7.30
C SER C 177 -22.05 7.90 -7.00
N ILE C 178 -22.37 8.06 -5.73
CA ILE C 178 -23.76 8.25 -5.29
C ILE C 178 -24.32 9.55 -5.89
N LYS C 179 -23.61 10.65 -5.71
CA LYS C 179 -24.03 11.97 -6.26
C LYS C 179 -24.30 11.89 -7.78
N LEU C 180 -23.46 11.17 -8.51
CA LEU C 180 -23.65 11.00 -9.96
C LEU C 180 -24.91 10.21 -10.32
N ALA C 181 -25.19 9.16 -9.57
CA ALA C 181 -26.42 8.38 -9.74
C ALA C 181 -27.69 9.18 -9.52
N GLU C 182 -27.63 10.19 -8.65
CA GLU C 182 -28.79 11.07 -8.33
C GLU C 182 -29.00 12.19 -9.34
N MET C 183 -27.91 12.75 -9.84
CA MET C 183 -27.91 13.93 -10.72
C MET C 183 -28.32 13.58 -12.16
N CYS C 184 -27.86 12.43 -12.65
CA CYS C 184 -27.98 12.07 -14.06
C CYS C 184 -28.79 10.76 -14.23
N PRO C 185 -30.03 10.84 -14.75
CA PRO C 185 -30.84 9.61 -14.77
C PRO C 185 -30.42 8.56 -15.80
N ASN C 186 -29.56 8.92 -16.76
CA ASN C 186 -29.00 7.92 -17.69
C ASN C 186 -27.80 7.17 -17.10
N ILE C 187 -27.21 7.66 -16.00
CA ILE C 187 -26.16 6.90 -15.30
C ILE C 187 -26.86 5.82 -14.44
N VAL C 188 -26.91 4.58 -14.96
CA VAL C 188 -27.69 3.49 -14.33
C VAL C 188 -26.85 2.34 -13.79
N ALA C 189 -25.52 2.42 -13.88
CA ALA C 189 -24.68 1.31 -13.41
C ALA C 189 -23.28 1.72 -13.11
N LEU C 190 -22.62 0.92 -12.30
CA LEU C 190 -21.23 1.10 -11.91
C LEU C 190 -20.48 -0.23 -11.96
N KPI C 191 -19.32 -0.25 -12.61
CA KPI C 191 -18.42 -1.40 -12.66
CB KPI C 191 -17.82 -1.62 -14.08
CG KPI C 191 -16.74 -2.69 -14.21
CD KPI C 191 -16.23 -2.82 -15.65
CE KPI C 191 -15.13 -3.90 -15.76
NZ KPI C 191 -14.51 -3.83 -17.10
CX1 KPI C 191 -13.61 -4.56 -17.67
C1 KPI C 191 -12.94 -5.75 -17.02
CX2 KPI C 191 -13.17 -4.18 -19.03
O1 KPI C 191 -13.70 -3.18 -19.67
O2 KPI C 191 -12.23 -4.87 -19.48
C KPI C 191 -17.38 -1.05 -11.64
O KPI C 191 -16.54 -0.19 -11.87
N GLU C 192 -17.42 -1.73 -10.50
CA GLU C 192 -16.52 -1.45 -9.40
C GLU C 192 -15.43 -2.52 -9.27
N ALA C 193 -14.20 -2.15 -9.58
CA ALA C 193 -13.03 -3.02 -9.50
C ALA C 193 -11.99 -2.51 -8.53
N SER C 194 -12.34 -1.63 -7.59
CA SER C 194 -11.36 -1.22 -6.57
C SER C 194 -11.07 -2.35 -5.61
N GLY C 195 -11.95 -3.36 -5.54
CA GLY C 195 -11.92 -4.32 -4.46
C GLY C 195 -12.23 -3.79 -3.07
N ASN C 196 -12.69 -2.54 -2.94
CA ASN C 196 -13.02 -1.94 -1.64
C ASN C 196 -14.45 -2.27 -1.29
N LEU C 197 -14.63 -3.10 -0.26
CA LEU C 197 -15.94 -3.64 0.11
C LEU C 197 -16.80 -2.65 0.82
N GLU C 198 -16.20 -1.78 1.66
CA GLU C 198 -16.93 -0.70 2.33
C GLU C 198 -17.52 0.30 1.31
N GLN C 199 -16.68 0.76 0.39
CA GLN C 199 -17.11 1.62 -0.73
C GLN C 199 -18.28 1.03 -1.48
N PHE C 200 -18.15 -0.24 -1.84
CA PHE C 200 -19.20 -0.95 -2.57
C PHE C 200 -20.50 -0.99 -1.77
N ALA C 201 -20.44 -1.32 -0.50
CA ALA C 201 -21.65 -1.41 0.33
C ALA C 201 -22.35 -0.06 0.50
N ARG C 202 -21.54 0.99 0.66
CA ARG C 202 -22.06 2.32 0.86
C ARG C 202 -22.77 2.84 -0.38
N ILE C 203 -22.20 2.55 -1.55
CA ILE C 203 -22.80 2.96 -2.79
C ILE C 203 -24.14 2.23 -2.95
N ARG C 204 -24.14 0.93 -2.66
CA ARG C 204 -25.33 0.10 -2.75
C ARG C 204 -26.45 0.55 -1.82
N ARG C 205 -26.13 0.76 -0.56
CA ARG C 205 -27.07 1.28 0.45
C ARG C 205 -27.79 2.56 0.01
N ALA C 206 -27.05 3.48 -0.62
CA ALA C 206 -27.52 4.83 -0.87
C ALA C 206 -28.11 5.09 -2.25
N THR C 207 -27.88 4.22 -3.23
CA THR C 207 -28.47 4.38 -4.57
C THR C 207 -29.80 3.69 -4.61
N SER C 208 -30.64 4.03 -5.59
CA SER C 208 -31.93 3.39 -5.73
C SER C 208 -31.72 1.94 -6.28
N PRO C 209 -32.69 1.03 -6.02
CA PRO C 209 -32.47 -0.35 -6.48
C PRO C 209 -32.41 -0.51 -8.02
N ASP C 210 -32.89 0.48 -8.75
CA ASP C 210 -32.73 0.50 -10.21
C ASP C 210 -31.29 0.70 -10.64
N PHE C 211 -30.42 1.18 -9.76
CA PHE C 211 -29.01 1.34 -10.04
C PHE C 211 -28.24 -0.01 -9.93
N ALA C 212 -27.56 -0.42 -11.00
CA ALA C 212 -26.86 -1.70 -11.04
C ALA C 212 -25.44 -1.54 -10.52
N LEU C 213 -25.02 -2.45 -9.66
CA LEU C 213 -23.65 -2.47 -9.16
C LEU C 213 -23.07 -3.77 -9.60
N TYR C 214 -22.06 -3.70 -10.46
CA TYR C 214 -21.39 -4.87 -11.01
C TYR C 214 -19.95 -5.01 -10.48
N SER C 215 -19.56 -6.25 -10.19
CA SER C 215 -18.16 -6.56 -9.99
C SER C 215 -17.39 -6.33 -11.28
N GLY C 216 -16.19 -5.80 -11.19
CA GLY C 216 -15.29 -5.66 -12.34
C GLY C 216 -14.18 -6.68 -12.39
N ASP C 217 -14.40 -7.80 -11.67
CA ASP C 217 -13.34 -8.71 -11.33
C ASP C 217 -13.98 -10.08 -11.05
N ASP C 218 -13.69 -11.08 -11.90
CA ASP C 218 -14.37 -12.40 -11.81
C ASP C 218 -14.26 -13.03 -10.39
N ALA C 219 -13.10 -12.82 -9.76
CA ALA C 219 -12.85 -13.36 -8.42
C ALA C 219 -13.67 -12.70 -7.31
N LEU C 220 -14.20 -11.49 -7.55
CA LEU C 220 -15.02 -10.75 -6.59
C LEU C 220 -16.53 -10.84 -6.82
N THR C 221 -16.94 -11.47 -7.92
CA THR C 221 -18.37 -11.53 -8.22
C THR C 221 -19.16 -12.04 -7.03
N LEU C 222 -18.77 -13.19 -6.50
CA LEU C 222 -19.55 -13.84 -5.43
C LEU C 222 -19.63 -13.04 -4.14
N PRO C 223 -18.50 -12.59 -3.57
CA PRO C 223 -18.63 -11.72 -2.37
C PRO C 223 -19.34 -10.38 -2.61
N LEU C 224 -19.22 -9.80 -3.80
CA LEU C 224 -19.97 -8.56 -4.09
C LEU C 224 -21.48 -8.83 -4.20
N LEU C 225 -21.89 -10.06 -4.59
CA LEU C 225 -23.31 -10.42 -4.54
C LEU C 225 -23.86 -10.36 -3.11
N SER C 226 -23.01 -10.68 -2.13
CA SER C 226 -23.43 -10.68 -0.74
C SER C 226 -23.65 -9.24 -0.24
N LEU C 227 -23.00 -8.28 -0.88
CA LEU C 227 -23.22 -6.87 -0.57
C LEU C 227 -24.14 -6.16 -1.59
N GLY C 228 -25.02 -6.90 -2.24
CA GLY C 228 -26.14 -6.35 -3.03
C GLY C 228 -25.81 -6.18 -4.51
N GLY C 229 -24.70 -6.76 -4.94
CA GLY C 229 -24.26 -6.65 -6.31
C GLY C 229 -25.17 -7.41 -7.26
N ASN C 230 -25.18 -6.93 -8.52
CA ASN C 230 -26.13 -7.41 -9.50
C ASN C 230 -25.49 -8.27 -10.56
N GLY C 231 -24.18 -8.55 -10.40
CA GLY C 231 -23.47 -9.40 -11.33
C GLY C 231 -22.05 -8.96 -11.61
N VAL C 232 -21.64 -9.13 -12.86
CA VAL C 232 -20.24 -9.00 -13.20
C VAL C 232 -20.04 -8.53 -14.64
N VAL C 233 -19.04 -7.67 -14.82
CA VAL C 233 -18.46 -7.36 -16.09
C VAL C 233 -17.20 -8.21 -16.17
N SER C 234 -17.30 -9.30 -16.95
CA SER C 234 -16.41 -10.44 -16.88
C SER C 234 -15.47 -10.59 -18.08
N VAL C 235 -14.27 -11.11 -17.83
CA VAL C 235 -13.41 -11.67 -18.88
C VAL C 235 -13.73 -13.16 -19.08
N ALA C 236 -13.92 -13.89 -17.99
CA ALA C 236 -14.08 -15.34 -18.03
C ALA C 236 -15.41 -15.83 -18.70
N SER C 237 -16.38 -14.93 -18.88
CA SER C 237 -17.61 -15.25 -19.57
C SER C 237 -17.45 -15.48 -21.08
N HIS C 238 -16.27 -15.21 -21.64
CA HIS C 238 -15.90 -15.70 -22.98
C HIS C 238 -15.96 -17.23 -22.98
N PHE C 239 -15.62 -17.86 -21.86
CA PHE C 239 -15.42 -19.30 -21.75
C PHE C 239 -16.46 -20.01 -20.90
N ILE C 240 -16.95 -19.38 -19.84
CA ILE C 240 -17.89 -20.02 -18.91
C ILE C 240 -19.09 -19.17 -18.53
N GLY C 241 -19.57 -18.39 -19.51
CA GLY C 241 -20.74 -17.56 -19.31
C GLY C 241 -21.93 -18.25 -18.65
N PRO C 242 -22.38 -19.40 -19.19
CA PRO C 242 -23.56 -20.02 -18.59
C PRO C 242 -23.34 -20.46 -17.14
N GLU C 243 -22.10 -20.80 -16.79
CA GLU C 243 -21.76 -21.22 -15.42
C GLU C 243 -21.71 -20.00 -14.48
N ILE C 244 -21.25 -18.84 -14.98
CA ILE C 244 -21.33 -17.64 -14.16
C ILE C 244 -22.80 -17.24 -13.93
N GLN C 245 -23.64 -17.34 -14.97
CA GLN C 245 -25.11 -17.12 -14.80
C GLN C 245 -25.68 -18.05 -13.71
N ARG C 246 -25.29 -19.32 -13.73
CA ARG C 246 -25.80 -20.34 -12.80
C ARG C 246 -25.38 -19.98 -11.36
N MET C 247 -24.13 -19.57 -11.17
CA MET C 247 -23.65 -19.10 -9.86
C MET C 247 -24.51 -17.95 -9.31
N ILE C 248 -24.75 -16.95 -10.13
CA ILE C 248 -25.51 -15.78 -9.69
C ILE C 248 -26.96 -16.21 -9.38
N GLU C 249 -27.51 -17.05 -10.25
CA GLU C 249 -28.86 -17.59 -10.07
C GLU C 249 -29.03 -18.33 -8.73
N HIS C 250 -28.06 -19.22 -8.41
CA HIS C 250 -28.07 -20.00 -7.15
C HIS C 250 -28.08 -19.08 -5.93
N PHE C 251 -27.29 -18.02 -6.02
CA PHE C 251 -27.15 -17.07 -4.92
C PHE C 251 -28.34 -16.13 -4.73
N VAL C 252 -28.76 -15.48 -5.81
CA VAL C 252 -29.73 -14.38 -5.73
C VAL C 252 -31.16 -14.89 -5.74
N ASP C 253 -31.44 -15.85 -6.63
CA ASP C 253 -32.80 -16.36 -6.87
C ASP C 253 -33.16 -17.58 -6.04
N LEU C 254 -32.26 -18.55 -5.93
CA LEU C 254 -32.64 -19.87 -5.45
C LEU C 254 -32.25 -20.16 -4.00
N GLY C 255 -31.53 -19.22 -3.35
CA GLY C 255 -31.12 -19.42 -1.94
C GLY C 255 -30.16 -20.58 -1.72
N ASN C 256 -29.20 -20.77 -2.63
CA ASN C 256 -28.25 -21.86 -2.57
C ASN C 256 -26.81 -21.26 -2.61
N PRO C 257 -26.38 -20.57 -1.54
CA PRO C 257 -24.98 -20.05 -1.50
C PRO C 257 -23.91 -21.14 -1.56
N GLU C 258 -24.20 -22.33 -1.06
CA GLU C 258 -23.22 -23.42 -1.07
C GLU C 258 -22.91 -23.74 -2.53
N GLU C 259 -23.92 -23.87 -3.37
CA GLU C 259 -23.70 -24.15 -4.80
C GLU C 259 -23.07 -22.99 -5.58
N ALA C 260 -23.39 -21.74 -5.22
CA ALA C 260 -22.70 -20.59 -5.82
C ALA C 260 -21.20 -20.71 -5.57
N PHE C 261 -20.87 -21.04 -4.32
CA PHE C 261 -19.48 -21.16 -3.93
C PHE C 261 -18.75 -22.36 -4.53
N ARG C 262 -19.47 -23.47 -4.68
CA ARG C 262 -18.92 -24.62 -5.39
C ARG C 262 -18.49 -24.18 -6.79
N ILE C 263 -19.27 -23.33 -7.47
CA ILE C 263 -18.88 -22.86 -8.80
C ILE C 263 -17.72 -21.90 -8.75
N HIS C 264 -17.74 -20.96 -7.80
CA HIS C 264 -16.61 -20.06 -7.65
C HIS C 264 -15.31 -20.85 -7.49
N CYS C 265 -15.35 -21.87 -6.64
CA CYS C 265 -14.23 -22.75 -6.39
C CYS C 265 -13.72 -23.49 -7.61
N ARG C 266 -14.65 -24.07 -8.42
CA ARG C 266 -14.28 -24.77 -9.66
C ARG C 266 -13.42 -23.85 -10.51
N TYR C 267 -13.73 -22.56 -10.56
CA TYR C 267 -13.07 -21.65 -11.51
C TYR C 267 -12.02 -20.68 -10.97
N MET C 268 -11.64 -20.78 -9.69
CA MET C 268 -10.60 -19.89 -9.14
C MET C 268 -9.25 -20.00 -9.89
N ASP C 269 -8.83 -21.23 -10.23
CA ASP C 269 -7.58 -21.40 -10.94
C ASP C 269 -7.58 -20.74 -12.33
N LEU C 270 -8.70 -20.84 -13.02
CA LEU C 270 -8.90 -20.18 -14.31
C LEU C 270 -8.86 -18.68 -14.13
N PHE C 271 -9.61 -18.15 -13.16
CA PHE C 271 -9.53 -16.71 -12.83
C PHE C 271 -8.09 -16.28 -12.55
N GLU C 272 -7.33 -17.04 -11.75
CA GLU C 272 -5.91 -16.72 -11.47
C GLU C 272 -5.12 -16.74 -12.80
N ALA C 273 -5.28 -17.81 -13.56
CA ALA C 273 -4.58 -18.00 -14.83
C ALA C 273 -4.81 -16.89 -15.87
N LEU C 274 -6.03 -16.34 -15.89
CA LEU C 274 -6.37 -15.23 -16.79
C LEU C 274 -5.67 -13.94 -16.46
N PHE C 275 -5.03 -13.82 -15.30
CA PHE C 275 -4.30 -12.58 -14.89
C PHE C 275 -2.82 -12.78 -14.56
N VAL C 276 -2.28 -13.96 -14.85
CA VAL C 276 -0.85 -14.24 -14.59
C VAL C 276 0.09 -13.32 -15.44
N MET C 277 -0.40 -12.88 -16.58
CA MET C 277 0.13 -11.74 -17.28
C MET C 277 -1.04 -10.80 -17.46
N ALA C 278 -0.75 -9.57 -17.85
CA ALA C 278 -1.80 -8.56 -17.93
C ALA C 278 -2.89 -8.87 -18.94
N ASN C 279 -4.13 -8.69 -18.52
CA ASN C 279 -5.32 -8.84 -19.37
C ASN C 279 -5.17 -7.82 -20.52
N PRO C 280 -5.40 -8.20 -21.78
CA PRO C 280 -5.97 -9.52 -22.24
C PRO C 280 -4.97 -10.54 -22.78
N ILE C 281 -3.72 -10.50 -22.36
CA ILE C 281 -2.76 -11.45 -22.93
C ILE C 281 -3.25 -12.89 -22.72
N PRO C 282 -3.62 -13.29 -21.50
CA PRO C 282 -4.08 -14.69 -21.33
C PRO C 282 -5.43 -14.99 -21.97
N ALA C 283 -6.37 -14.05 -21.85
CA ALA C 283 -7.68 -14.17 -22.50
C ALA C 283 -7.54 -14.50 -24.00
N LYS C 284 -6.74 -13.70 -24.69
CA LYS C 284 -6.46 -13.96 -26.11
C LYS C 284 -5.77 -15.30 -26.37
N ALA C 285 -4.80 -15.66 -25.55
CA ALA C 285 -4.16 -16.96 -25.69
C ALA C 285 -5.15 -18.13 -25.53
N ALA C 286 -6.08 -17.98 -24.60
CA ALA C 286 -7.09 -19.03 -24.34
C ALA C 286 -8.03 -19.20 -25.48
N LEU C 287 -8.45 -18.07 -26.05
CA LEU C 287 -9.33 -18.07 -27.22
C LEU C 287 -8.63 -18.75 -28.40
N ARG C 288 -7.37 -18.39 -28.69
CA ARG C 288 -6.57 -19.07 -29.74
C ARG C 288 -6.52 -20.59 -29.54
N LEU C 289 -6.27 -21.04 -28.31
CA LEU C 289 -6.27 -22.49 -27.98
C LEU C 289 -7.62 -23.18 -28.14
N LEU C 290 -8.71 -22.45 -28.00
CA LEU C 290 -10.05 -22.97 -28.26
C LEU C 290 -10.54 -22.90 -29.75
N GLY C 291 -9.66 -22.49 -30.69
CA GLY C 291 -10.02 -22.37 -32.10
C GLY C 291 -10.57 -21.01 -32.56
N TRP C 292 -10.54 -19.99 -31.68
CA TRP C 292 -10.95 -18.64 -32.03
C TRP C 292 -9.70 -17.85 -32.48
N PRO C 293 -9.61 -17.51 -33.80
CA PRO C 293 -8.33 -16.94 -34.28
C PRO C 293 -8.27 -15.44 -34.03
N VAL C 294 -8.14 -15.07 -32.76
CA VAL C 294 -8.20 -13.68 -32.35
C VAL C 294 -6.89 -12.91 -32.49
N GLY C 295 -5.82 -13.60 -32.92
CA GLY C 295 -4.56 -12.94 -33.22
C GLY C 295 -3.72 -12.55 -32.02
N PRO C 296 -2.64 -11.80 -32.26
CA PRO C 296 -1.82 -11.31 -31.17
C PRO C 296 -2.45 -10.08 -30.49
N THR C 297 -1.76 -9.53 -29.51
CA THR C 297 -2.03 -8.22 -28.95
C THR C 297 -1.11 -7.25 -29.66
N ARG C 298 -1.38 -5.94 -29.53
CA ARG C 298 -0.51 -4.90 -30.05
C ARG C 298 0.42 -4.36 -28.96
N LEU C 299 1.62 -3.99 -29.38
CA LEU C 299 2.57 -3.36 -28.50
C LEU C 299 1.93 -2.15 -27.79
N PRO C 300 2.18 -1.95 -26.50
CA PRO C 300 3.27 -2.58 -25.76
C PRO C 300 2.95 -3.96 -25.12
N LEU C 301 1.81 -4.57 -25.41
CA LEU C 301 1.52 -5.88 -24.89
C LEU C 301 2.25 -6.92 -25.75
N THR C 302 3.05 -7.78 -25.12
CA THR C 302 3.84 -8.76 -25.85
C THR C 302 3.19 -10.11 -25.75
N ASP C 303 3.70 -11.09 -26.47
CA ASP C 303 3.06 -12.43 -26.47
C ASP C 303 3.21 -13.09 -25.13
N ILE C 304 2.26 -13.95 -24.81
CA ILE C 304 2.28 -14.76 -23.60
C ILE C 304 3.54 -15.59 -23.60
N THR C 305 4.16 -15.77 -22.44
CA THR C 305 5.36 -16.61 -22.31
C THR C 305 4.97 -18.08 -22.24
N ALA C 306 5.95 -18.93 -22.50
CA ALA C 306 5.74 -20.37 -22.45
C ALA C 306 5.23 -20.75 -21.04
N SER C 307 5.82 -20.14 -20.02
CA SER C 307 5.46 -20.41 -18.62
C SER C 307 3.99 -20.06 -18.27
N ALA C 308 3.56 -18.88 -18.71
CA ALA C 308 2.18 -18.46 -18.49
C ALA C 308 1.19 -19.27 -19.32
N GLU C 309 1.56 -19.60 -20.57
CA GLU C 309 0.74 -20.46 -21.41
C GLU C 309 0.57 -21.84 -20.78
N GLN C 310 1.61 -22.42 -20.20
CA GLN C 310 1.47 -23.77 -19.54
C GLN C 310 0.48 -23.71 -18.36
N GLN C 311 0.63 -22.70 -17.49
CA GLN C 311 -0.28 -22.52 -16.35
C GLN C 311 -1.73 -22.32 -16.81
N LEU C 312 -1.89 -21.56 -17.89
CA LEU C 312 -3.21 -21.29 -18.48
C LEU C 312 -3.80 -22.55 -19.08
N ARG C 313 -2.99 -23.25 -19.85
CA ARG C 313 -3.42 -24.48 -20.53
C ARG C 313 -3.83 -25.52 -19.51
N GLN C 314 -3.01 -25.71 -18.46
CA GLN C 314 -3.32 -26.66 -17.38
C GLN C 314 -4.65 -26.28 -16.70
N ALA C 315 -4.82 -25.00 -16.36
CA ALA C 315 -6.02 -24.55 -15.68
C ALA C 315 -7.27 -24.78 -16.50
N MET C 316 -7.16 -24.53 -17.81
CA MET C 316 -8.25 -24.80 -18.76
C MET C 316 -8.60 -26.29 -18.89
N ILE C 317 -7.59 -27.16 -18.90
CA ILE C 317 -7.87 -28.59 -18.97
C ILE C 317 -8.65 -29.02 -17.73
N ALA C 318 -8.12 -28.72 -16.55
CA ALA C 318 -8.80 -29.06 -15.27
C ALA C 318 -10.22 -28.42 -15.14
N ALA C 319 -10.44 -27.26 -15.75
CA ALA C 319 -11.77 -26.67 -15.77
C ALA C 319 -12.71 -27.25 -16.85
N GLY C 320 -12.24 -28.24 -17.61
CA GLY C 320 -13.03 -28.87 -18.64
C GLY C 320 -13.26 -28.11 -19.93
N LEU C 321 -12.34 -27.21 -20.26
CA LEU C 321 -12.43 -26.37 -21.49
C LEU C 321 -11.67 -26.92 -22.70
N LEU C 322 -10.68 -27.78 -22.47
CA LEU C 322 -9.69 -28.20 -23.46
C LEU C 322 -9.28 -29.66 -23.29
N SER C 323 -8.67 -30.27 -24.33
CA SER C 323 -8.31 -31.74 -24.37
C SER C 323 -9.46 -32.63 -23.92
N LYS D 25 28.69 18.03 -19.16
CA LYS D 25 28.81 16.54 -19.10
C LYS D 25 27.51 15.94 -19.65
N HIS D 26 26.32 16.42 -19.25
CA HIS D 26 25.05 15.75 -19.70
C HIS D 26 24.25 16.60 -20.68
N PHE D 27 23.73 15.96 -21.73
CA PHE D 27 23.09 16.67 -22.84
C PHE D 27 21.91 17.53 -22.36
N PHE D 28 21.04 16.95 -21.55
CA PHE D 28 19.91 17.70 -21.01
C PHE D 28 20.19 18.55 -19.76
N GLY D 29 21.44 18.60 -19.26
CA GLY D 29 21.79 19.51 -18.16
C GLY D 29 21.33 19.05 -16.78
N ARG D 30 21.08 20.01 -15.88
CA ARG D 30 20.74 19.76 -14.48
C ARG D 30 19.30 20.06 -14.11
N VAL D 31 18.71 21.07 -14.74
CA VAL D 31 17.34 21.48 -14.46
C VAL D 31 16.57 21.49 -15.77
N ILE D 32 15.55 20.64 -15.85
CA ILE D 32 14.69 20.56 -17.00
C ILE D 32 13.30 20.94 -16.51
N THR D 33 12.69 21.97 -17.11
CA THR D 33 11.39 22.40 -16.70
C THR D 33 10.34 21.69 -17.54
N ALA D 34 9.37 21.06 -16.87
CA ALA D 34 8.17 20.52 -17.51
C ALA D 34 7.15 21.62 -17.77
N LEU D 35 7.20 22.22 -18.96
CA LEU D 35 6.41 23.41 -19.29
C LEU D 35 4.90 23.20 -19.22
N VAL D 36 4.18 24.11 -18.55
CA VAL D 36 2.72 24.10 -18.65
C VAL D 36 2.36 24.54 -20.07
N THR D 37 1.18 24.14 -20.50
CA THR D 37 0.59 24.54 -21.76
C THR D 37 -0.44 25.64 -21.56
N PRO D 38 -0.13 26.88 -21.95
CA PRO D 38 -1.14 27.97 -21.84
C PRO D 38 -2.36 27.76 -22.74
N PHE D 39 -3.55 28.00 -22.20
CA PHE D 39 -4.76 28.02 -23.01
C PHE D 39 -5.39 29.40 -22.95
N LYS D 40 -6.13 29.78 -23.99
CA LYS D 40 -6.95 31.00 -23.97
C LYS D 40 -8.15 30.78 -23.04
N LEU D 41 -8.83 31.87 -22.71
CA LEU D 41 -9.81 31.95 -21.60
C LEU D 41 -10.84 30.80 -21.48
N THR D 42 -11.39 30.32 -22.59
CA THR D 42 -12.34 29.19 -22.52
C THR D 42 -11.65 27.82 -22.37
N GLY D 43 -10.35 27.73 -22.64
CA GLY D 43 -9.65 26.45 -22.68
C GLY D 43 -9.65 25.78 -24.03
N VAL D 44 -10.46 26.28 -24.95
CA VAL D 44 -10.65 25.60 -26.23
C VAL D 44 -9.43 25.67 -27.15
N GLU D 45 -8.68 26.78 -27.13
CA GLU D 45 -7.47 26.90 -27.94
C GLU D 45 -6.23 27.07 -27.08
N VAL D 46 -5.10 26.66 -27.63
CA VAL D 46 -3.81 26.89 -27.02
C VAL D 46 -3.45 28.34 -27.29
N ASP D 47 -2.74 28.96 -26.36
CA ASP D 47 -2.18 30.28 -26.58
C ASP D 47 -0.67 30.13 -26.86
N TYR D 48 -0.36 29.97 -28.14
CA TYR D 48 1.02 29.76 -28.57
C TYR D 48 1.92 30.95 -28.20
N GLY D 49 1.37 32.16 -28.22
CA GLY D 49 2.08 33.39 -27.86
C GLY D 49 2.61 33.38 -26.42
N VAL D 50 1.72 33.07 -25.49
CA VAL D 50 2.11 32.96 -24.08
C VAL D 50 3.15 31.80 -23.90
N ALA D 51 2.97 30.71 -24.67
CA ALA D 51 3.93 29.62 -24.68
C ALA D 51 5.34 30.06 -25.08
N GLU D 52 5.41 30.88 -26.13
CA GLU D 52 6.69 31.42 -26.60
C GLU D 52 7.38 32.23 -25.50
N SER D 53 6.69 33.22 -24.96
CA SER D 53 7.37 34.14 -24.06
C SER D 53 7.69 33.43 -22.74
N LEU D 54 6.82 32.52 -22.28
CA LEU D 54 7.14 31.71 -21.10
C LEU D 54 8.39 30.87 -21.31
N ALA D 55 8.53 30.23 -22.48
CA ALA D 55 9.70 29.39 -22.74
C ALA D 55 11.00 30.22 -22.84
N ALA D 56 10.94 31.38 -23.49
CA ALA D 56 12.07 32.33 -23.54
C ALA D 56 12.52 32.78 -22.16
N HIS D 57 11.55 33.07 -21.31
CA HIS D 57 11.81 33.39 -19.91
C HIS D 57 12.52 32.25 -19.16
N LEU D 58 12.10 31.01 -19.38
CA LEU D 58 12.73 29.88 -18.69
C LEU D 58 14.16 29.68 -19.18
N ALA D 59 14.40 29.89 -20.48
CA ALA D 59 15.75 29.69 -21.02
C ALA D 59 16.75 30.67 -20.44
N GLU D 60 16.29 31.83 -20.00
CA GLU D 60 17.16 32.84 -19.33
C GLU D 60 17.07 32.76 -17.80
N ASN D 61 16.47 31.70 -17.25
CA ASN D 61 16.28 31.57 -15.77
C ASN D 61 16.53 30.13 -15.28
N GLY D 62 17.64 29.57 -15.76
CA GLY D 62 18.16 28.31 -15.31
C GLY D 62 17.59 27.02 -15.87
N SER D 63 16.61 27.08 -16.76
CA SER D 63 16.19 25.87 -17.45
C SER D 63 17.28 25.50 -18.50
N ASP D 64 17.97 24.37 -18.31
CA ASP D 64 18.92 23.84 -19.29
C ASP D 64 18.19 23.17 -20.45
N ALA D 65 16.96 22.71 -20.16
CA ALA D 65 16.10 22.08 -21.10
C ALA D 65 14.66 22.32 -20.72
N ILE D 66 13.77 22.19 -21.69
CA ILE D 66 12.34 22.33 -21.46
C ILE D 66 11.62 21.12 -22.08
N ILE D 67 10.68 20.53 -21.35
CA ILE D 67 9.80 19.50 -21.85
C ILE D 67 8.43 20.07 -22.22
N VAL D 68 8.05 19.82 -23.46
CA VAL D 68 6.86 20.39 -24.05
C VAL D 68 5.81 19.34 -24.15
N ALA D 69 4.61 19.68 -23.65
CA ALA D 69 3.47 18.80 -23.77
C ALA D 69 3.67 17.47 -23.08
N GLY D 70 4.35 17.44 -21.92
CA GLY D 70 4.35 16.30 -20.99
C GLY D 70 3.16 16.36 -20.02
N THR D 71 3.26 15.68 -18.89
CA THR D 71 2.15 15.61 -17.93
C THR D 71 1.72 17.02 -17.46
N THR D 72 2.72 17.82 -17.15
CA THR D 72 2.55 19.14 -16.58
C THR D 72 1.97 20.05 -17.67
N GLY D 73 2.27 19.70 -18.93
CA GLY D 73 1.72 20.37 -20.10
C GLY D 73 0.35 19.87 -20.54
N GLU D 74 -0.32 19.04 -19.73
CA GLU D 74 -1.65 18.57 -20.00
C GLU D 74 -1.70 17.71 -21.27
N SER D 75 -0.65 16.91 -21.46
CA SER D 75 -0.54 15.99 -22.61
C SER D 75 -1.84 15.25 -22.93
N ALA D 76 -2.49 14.69 -21.93
CA ALA D 76 -3.69 13.92 -22.14
C ALA D 76 -4.84 14.67 -22.81
N THR D 77 -4.96 15.97 -22.62
CA THR D 77 -6.06 16.70 -23.22
C THR D 77 -5.65 17.50 -24.44
N LEU D 78 -4.38 17.50 -24.80
CA LEU D 78 -3.92 18.05 -26.08
C LEU D 78 -4.17 16.99 -27.19
N THR D 79 -4.51 17.43 -28.39
CA THR D 79 -4.43 16.60 -29.60
C THR D 79 -2.97 16.54 -30.07
N TRP D 80 -2.67 15.58 -30.95
CA TRP D 80 -1.33 15.48 -31.54
C TRP D 80 -0.95 16.76 -32.31
N SER D 81 -1.87 17.33 -33.06
CA SER D 81 -1.60 18.56 -33.79
C SER D 81 -1.20 19.69 -32.85
N GLU D 82 -1.97 19.87 -31.78
CA GLU D 82 -1.64 20.90 -30.79
C GLU D 82 -0.21 20.69 -30.26
N GLU D 83 0.15 19.44 -29.98
CA GLU D 83 1.49 19.12 -29.50
C GLU D 83 2.56 19.49 -30.52
N TYR D 84 2.33 19.13 -31.78
CA TYR D 84 3.31 19.39 -32.82
C TYR D 84 3.52 20.89 -33.04
N GLU D 85 2.46 21.67 -32.93
CA GLU D 85 2.58 23.14 -33.03
C GLU D 85 3.33 23.74 -31.84
N LEU D 86 2.97 23.28 -30.64
CA LEU D 86 3.73 23.60 -29.42
C LEU D 86 5.21 23.29 -29.52
N PHE D 87 5.56 22.15 -30.15
CA PHE D 87 6.97 21.79 -30.34
C PHE D 87 7.63 22.81 -31.26
N ARG D 88 6.97 23.15 -32.35
CA ARG D 88 7.56 24.05 -33.35
C ARG D 88 7.76 25.39 -32.70
N VAL D 89 6.73 25.87 -32.02
CA VAL D 89 6.71 27.21 -31.46
C VAL D 89 7.76 27.38 -30.33
N VAL D 90 7.81 26.42 -29.43
CA VAL D 90 8.78 26.44 -28.33
C VAL D 90 10.21 26.34 -28.84
N LYS D 91 10.46 25.51 -29.85
CA LYS D 91 11.82 25.43 -30.46
C LYS D 91 12.26 26.79 -31.00
N SER D 92 11.38 27.54 -31.67
CA SER D 92 11.74 28.91 -32.19
C SER D 92 11.88 29.94 -31.08
N ALA D 93 11.04 29.85 -30.06
CA ALA D 93 11.16 30.73 -28.90
C ALA D 93 12.53 30.70 -28.21
N VAL D 94 13.24 29.58 -28.27
CA VAL D 94 14.54 29.44 -27.58
C VAL D 94 15.74 29.29 -28.52
N ALA D 95 15.53 29.36 -29.83
CA ALA D 95 16.65 29.40 -30.82
C ALA D 95 17.60 30.54 -30.50
N GLY D 96 18.90 30.27 -30.64
CA GLY D 96 19.97 31.20 -30.21
C GLY D 96 20.60 30.76 -28.89
N THR D 97 19.80 30.09 -28.02
CA THR D 97 20.27 29.71 -26.70
C THR D 97 20.65 28.24 -26.73
N LYS D 98 21.34 27.81 -25.67
CA LYS D 98 21.72 26.42 -25.45
C LYS D 98 20.58 25.62 -24.79
N CYS D 99 19.41 26.24 -24.57
CA CYS D 99 18.25 25.54 -24.01
C CYS D 99 17.71 24.48 -24.97
N ARG D 100 17.70 23.22 -24.49
CA ARG D 100 17.26 22.09 -25.30
C ARG D 100 15.74 21.91 -25.18
N VAL D 101 15.11 21.49 -26.26
CA VAL D 101 13.67 21.40 -26.34
C VAL D 101 13.33 19.94 -26.56
N ILE D 102 12.56 19.40 -25.63
CA ILE D 102 12.26 18.02 -25.56
C ILE D 102 10.76 17.81 -25.81
N ALA D 103 10.46 16.90 -26.73
CA ALA D 103 9.07 16.57 -27.02
C ALA D 103 8.54 15.51 -26.04
N GLY D 104 7.44 15.83 -25.34
CA GLY D 104 6.65 14.86 -24.61
C GLY D 104 5.86 14.08 -25.61
N ALA D 105 6.45 12.99 -26.11
CA ALA D 105 5.97 12.27 -27.27
C ALA D 105 5.61 10.83 -26.89
N GLY D 106 5.48 10.53 -25.61
CA GLY D 106 5.17 9.20 -25.12
C GLY D 106 3.71 8.83 -25.22
N SER D 107 3.47 7.53 -25.07
CA SER D 107 2.12 7.04 -25.18
C SER D 107 2.08 5.65 -24.61
N ASN D 108 0.85 5.21 -24.31
CA ASN D 108 0.56 3.84 -23.97
C ASN D 108 0.32 2.96 -25.21
N SER D 109 0.30 3.59 -26.39
CA SER D 109 0.38 2.88 -27.70
C SER D 109 1.77 3.07 -28.33
N THR D 110 2.49 1.98 -28.56
CA THR D 110 3.80 2.06 -29.20
C THR D 110 3.72 2.72 -30.60
N GLU D 111 2.70 2.34 -31.39
CA GLU D 111 2.49 2.92 -32.72
C GLU D 111 2.37 4.49 -32.63
N GLU D 112 1.59 5.00 -31.67
CA GLU D 112 1.40 6.45 -31.50
C GLU D 112 2.71 7.11 -31.06
N ALA D 113 3.46 6.44 -30.17
CA ALA D 113 4.73 6.97 -29.68
C ALA D 113 5.74 7.05 -30.79
N ILE D 114 5.82 5.97 -31.58
CA ILE D 114 6.63 5.97 -32.77
C ILE D 114 6.26 7.11 -33.74
N GLU D 115 4.98 7.34 -34.02
CA GLU D 115 4.59 8.40 -34.95
C GLU D 115 5.01 9.75 -34.41
N ALA D 116 4.79 10.00 -33.10
CA ALA D 116 5.11 11.30 -32.55
C ALA D 116 6.61 11.55 -32.49
N THR D 117 7.36 10.49 -32.23
CA THR D 117 8.82 10.58 -32.14
C THR D 117 9.41 10.87 -33.51
N LYS D 118 8.87 10.25 -34.57
CA LYS D 118 9.30 10.57 -35.93
C LYS D 118 9.00 12.03 -36.29
N LYS D 119 7.82 12.53 -35.91
CA LYS D 119 7.48 13.93 -36.13
C LYS D 119 8.46 14.87 -35.39
N SER D 120 8.83 14.51 -34.18
CA SER D 120 9.80 15.30 -33.40
C SER D 120 11.17 15.34 -34.05
N ALA D 121 11.58 14.22 -34.64
CA ALA D 121 12.82 14.17 -35.41
C ALA D 121 12.79 15.12 -36.61
N LYS D 122 11.73 15.02 -37.41
CA LYS D 122 11.57 15.85 -38.65
C LYS D 122 11.50 17.33 -38.30
N LEU D 123 10.98 17.68 -37.11
CA LEU D 123 10.90 19.09 -36.67
C LEU D 123 12.19 19.62 -36.11
N GLY D 124 13.16 18.76 -35.84
CA GLY D 124 14.48 19.19 -35.33
C GLY D 124 14.52 19.55 -33.85
N LEU D 125 13.64 18.96 -33.05
CA LEU D 125 13.73 19.09 -31.59
C LEU D 125 14.96 18.34 -31.06
N ASP D 126 15.38 18.63 -29.82
CA ASP D 126 16.65 18.09 -29.29
C ASP D 126 16.55 16.70 -28.70
N GLY D 127 15.34 16.22 -28.47
CA GLY D 127 15.16 14.90 -27.87
C GLY D 127 13.70 14.64 -27.54
N THR D 128 13.40 13.46 -27.03
CA THR D 128 12.05 13.17 -26.55
C THR D 128 12.06 12.68 -25.12
N LEU D 129 10.91 12.87 -24.47
CA LEU D 129 10.59 12.26 -23.17
C LEU D 129 9.57 11.16 -23.41
N GLN D 130 9.80 9.99 -22.83
CA GLN D 130 9.00 8.82 -23.14
C GLN D 130 8.54 8.12 -21.84
N VAL D 131 7.27 8.31 -21.49
CA VAL D 131 6.65 7.70 -20.35
C VAL D 131 6.47 6.20 -20.53
N VAL D 132 6.59 5.46 -19.43
CA VAL D 132 6.23 4.07 -19.36
C VAL D 132 4.73 4.03 -19.68
N PRO D 133 4.30 3.04 -20.50
CA PRO D 133 2.89 3.03 -20.83
C PRO D 133 1.98 3.00 -19.61
N TYR D 134 0.97 3.85 -19.67
CA TYR D 134 -0.02 4.07 -18.62
C TYR D 134 -1.30 3.33 -18.94
N TYR D 135 -2.04 2.93 -17.91
CA TYR D 135 -3.37 2.32 -18.01
C TYR D 135 -3.42 0.83 -18.49
N ASN D 136 -2.63 0.45 -19.50
CA ASN D 136 -2.71 -0.88 -20.11
C ASN D 136 -1.72 -1.92 -19.54
N LYS D 137 -0.88 -1.48 -18.61
CA LYS D 137 -0.05 -2.38 -17.75
C LYS D 137 0.72 -3.44 -18.50
N PRO D 138 1.64 -3.01 -19.37
CA PRO D 138 2.43 -4.04 -20.03
C PRO D 138 3.36 -4.78 -19.09
N PRO D 139 3.74 -6.01 -19.45
CA PRO D 139 4.86 -6.70 -18.79
C PRO D 139 6.17 -5.96 -18.94
N GLN D 140 7.16 -6.29 -18.12
CA GLN D 140 8.49 -5.69 -18.22
C GLN D 140 9.09 -5.87 -19.62
N GLN D 141 8.95 -7.03 -20.24
CA GLN D 141 9.48 -7.22 -21.58
C GLN D 141 8.70 -6.37 -22.59
N GLY D 142 7.44 -6.04 -22.29
CA GLY D 142 6.67 -5.09 -23.10
C GLY D 142 7.14 -3.66 -23.00
N ILE D 143 7.43 -3.22 -21.78
CA ILE D 143 8.00 -1.92 -21.58
C ILE D 143 9.31 -1.86 -22.35
N MET D 144 10.08 -2.95 -22.30
CA MET D 144 11.38 -2.95 -22.93
C MET D 144 11.22 -2.88 -24.46
N ALA D 145 10.30 -3.67 -25.02
CA ALA D 145 10.08 -3.67 -26.47
C ALA D 145 9.54 -2.29 -26.92
N HIS D 146 8.66 -1.70 -26.11
CA HIS D 146 8.03 -0.39 -26.40
C HIS D 146 9.14 0.68 -26.63
N PHE D 147 10.07 0.72 -25.69
CA PHE D 147 11.15 1.68 -25.76
C PHE D 147 12.23 1.36 -26.83
N ARG D 148 12.55 0.10 -27.06
CA ARG D 148 13.45 -0.30 -28.17
C ARG D 148 12.91 0.25 -29.50
N ALA D 149 11.65 -0.03 -29.77
CA ALA D 149 10.98 0.39 -31.00
C ALA D 149 10.95 1.93 -31.18
N ILE D 150 10.72 2.64 -30.09
CA ILE D 150 10.81 4.09 -30.08
C ILE D 150 12.24 4.61 -30.28
N ALA D 151 13.19 4.04 -29.58
CA ALA D 151 14.59 4.37 -29.84
C ALA D 151 14.99 4.08 -31.32
N ASN D 152 14.56 2.96 -31.86
CA ASN D 152 14.80 2.61 -33.26
C ASN D 152 14.09 3.50 -34.28
N ALA D 153 12.97 4.12 -33.92
CA ALA D 153 12.22 4.97 -34.86
C ALA D 153 12.96 6.29 -35.15
N ALA D 154 13.80 6.75 -34.20
CA ALA D 154 14.70 7.87 -34.50
C ALA D 154 16.04 7.68 -33.79
N PRO D 155 16.90 6.82 -34.34
CA PRO D 155 18.08 6.33 -33.62
C PRO D 155 19.11 7.38 -33.20
N ASP D 156 19.02 8.57 -33.78
CA ASP D 156 19.95 9.65 -33.52
C ASP D 156 19.38 10.73 -32.58
N LEU D 157 18.12 10.53 -32.15
CA LEU D 157 17.42 11.47 -31.32
C LEU D 157 17.47 11.02 -29.82
N PRO D 158 18.19 11.82 -28.96
CA PRO D 158 18.32 11.53 -27.58
C PRO D 158 16.99 11.31 -26.93
N MET D 159 16.98 10.41 -25.96
CA MET D 159 15.73 9.98 -25.36
C MET D 159 15.87 9.91 -23.85
N MET D 160 14.84 10.43 -23.18
CA MET D 160 14.72 10.41 -21.73
C MET D 160 13.52 9.57 -21.40
N LEU D 161 13.76 8.46 -20.72
CA LEU D 161 12.68 7.61 -20.15
C LEU D 161 12.00 8.33 -18.95
N TYR D 162 10.77 7.97 -18.63
CA TYR D 162 10.01 8.54 -17.51
C TYR D 162 9.23 7.46 -16.79
N ASN D 163 9.59 7.19 -15.55
CA ASN D 163 8.97 6.11 -14.75
C ASN D 163 8.17 6.77 -13.64
N ILE D 164 6.86 6.58 -13.65
CA ILE D 164 5.96 7.16 -12.70
C ILE D 164 4.80 6.23 -12.38
N PRO D 165 5.05 5.24 -11.49
CA PRO D 165 4.05 4.22 -11.17
C PRO D 165 2.72 4.73 -10.68
N GLY D 166 2.77 5.85 -9.90
CA GLY D 166 1.55 6.48 -9.35
C GLY D 166 0.53 6.90 -10.40
N ARG D 167 1.00 7.25 -11.60
CA ARG D 167 0.12 7.61 -12.70
C ARG D 167 -0.10 6.50 -13.71
N THR D 168 0.92 5.68 -13.96
CA THR D 168 0.81 4.67 -15.01
C THR D 168 0.20 3.37 -14.54
N GLY D 169 0.45 3.05 -13.27
CA GLY D 169 -0.05 1.80 -12.67
C GLY D 169 0.89 0.63 -12.80
N ILE D 170 2.14 0.85 -13.24
CA ILE D 170 3.20 -0.19 -13.25
C ILE D 170 4.56 0.45 -13.03
N ASN D 171 5.53 -0.35 -12.66
CA ASN D 171 6.84 0.14 -12.39
C ASN D 171 7.85 -0.48 -13.35
N MET D 172 8.68 0.35 -13.97
CA MET D 172 9.87 -0.12 -14.69
C MET D 172 10.98 -0.42 -13.71
N THR D 173 11.39 -1.68 -13.63
CA THR D 173 12.38 -2.11 -12.64
C THR D 173 13.77 -1.59 -12.99
N ALA D 174 14.66 -1.66 -12.01
CA ALA D 174 16.07 -1.40 -12.21
C ALA D 174 16.65 -2.21 -13.39
N GLU D 175 16.39 -3.52 -13.40
CA GLU D 175 16.92 -4.41 -14.45
C GLU D 175 16.52 -3.90 -15.84
N THR D 176 15.25 -3.61 -16.02
CA THR D 176 14.74 -3.18 -17.28
C THR D 176 15.40 -1.86 -17.72
N SER D 177 15.52 -0.91 -16.79
CA SER D 177 16.11 0.38 -17.06
C SER D 177 17.56 0.29 -17.43
N ILE D 178 18.31 -0.52 -16.70
CA ILE D 178 19.72 -0.71 -16.96
C ILE D 178 19.91 -1.37 -18.35
N LYS D 179 19.22 -2.46 -18.61
CA LYS D 179 19.29 -3.15 -19.90
C LYS D 179 19.02 -2.20 -21.07
N LEU D 180 18.03 -1.30 -20.92
CA LEU D 180 17.71 -0.34 -21.96
C LEU D 180 18.82 0.69 -22.22
N ALA D 181 19.45 1.16 -21.14
CA ALA D 181 20.58 2.06 -21.25
C ALA D 181 21.78 1.46 -21.98
N GLU D 182 21.96 0.14 -21.92
CA GLU D 182 23.06 -0.58 -22.60
C GLU D 182 22.78 -0.88 -24.07
N MET D 183 21.53 -1.22 -24.36
CA MET D 183 21.10 -1.73 -25.68
C MET D 183 20.93 -0.61 -26.70
N CYS D 184 20.44 0.55 -26.25
CA CYS D 184 20.09 1.67 -27.14
C CYS D 184 20.94 2.89 -26.81
N PRO D 185 21.89 3.28 -27.68
CA PRO D 185 22.81 4.35 -27.25
C PRO D 185 22.19 5.74 -27.26
N ASN D 186 21.04 5.92 -27.90
CA ASN D 186 20.32 7.21 -27.83
C ASN D 186 19.46 7.35 -26.56
N ILE D 187 19.22 6.26 -25.82
CA ILE D 187 18.63 6.36 -24.49
C ILE D 187 19.71 6.85 -23.49
N VAL D 188 19.70 8.16 -23.18
CA VAL D 188 20.76 8.76 -22.37
C VAL D 188 20.30 9.29 -21.03
N ALA D 189 19.02 9.14 -20.67
CA ALA D 189 18.53 9.63 -19.40
C ALA D 189 17.28 8.94 -18.93
N LEU D 190 17.04 9.04 -17.62
CA LEU D 190 15.87 8.48 -16.97
C LEU D 190 15.31 9.51 -15.94
N KPI D 191 14.01 9.78 -16.01
CA KPI D 191 13.28 10.61 -15.07
CB KPI D 191 12.26 11.55 -15.78
CG KPI D 191 11.33 12.35 -14.88
CD KPI D 191 10.37 13.22 -15.66
CE KPI D 191 9.44 14.02 -14.74
NZ KPI D 191 8.39 14.67 -15.52
CX1 KPI D 191 7.44 15.48 -15.20
C1 KPI D 191 7.15 15.97 -13.82
CX2 KPI D 191 6.54 15.89 -16.32
O1 KPI D 191 6.71 15.51 -17.55
O2 KPI D 191 5.60 16.64 -15.94
C KPI D 191 12.62 9.62 -14.15
O KPI D 191 11.66 8.97 -14.53
N GLU D 192 13.12 9.52 -12.95
CA GLU D 192 12.65 8.53 -11.97
C GLU D 192 11.78 9.18 -10.88
N ALA D 193 10.49 8.91 -10.91
CA ALA D 193 9.54 9.43 -9.95
C ALA D 193 8.83 8.34 -9.17
N SER D 194 9.39 7.12 -9.09
CA SER D 194 8.78 6.10 -8.22
C SER D 194 8.92 6.42 -6.77
N GLY D 195 9.84 7.30 -6.42
CA GLY D 195 10.26 7.48 -5.04
C GLY D 195 11.01 6.29 -4.44
N ASN D 196 11.39 5.29 -5.23
CA ASN D 196 12.10 4.12 -4.71
C ASN D 196 13.59 4.36 -4.73
N LEU D 197 14.19 4.47 -3.53
CA LEU D 197 15.59 4.86 -3.42
C LEU D 197 16.56 3.75 -3.82
N GLU D 198 16.20 2.51 -3.47
CA GLU D 198 17.00 1.32 -3.84
C GLU D 198 17.07 1.14 -5.39
N GLN D 199 15.92 1.21 -6.04
CA GLN D 199 15.82 1.20 -7.51
C GLN D 199 16.72 2.24 -8.14
N PHE D 200 16.62 3.46 -7.62
CA PHE D 200 17.43 4.55 -8.12
C PHE D 200 18.93 4.27 -7.97
N ALA D 201 19.35 3.82 -6.80
CA ALA D 201 20.77 3.57 -6.55
C ALA D 201 21.33 2.44 -7.45
N ARG D 202 20.51 1.42 -7.65
CA ARG D 202 20.93 0.29 -8.45
C ARG D 202 21.11 0.65 -9.92
N ILE D 203 20.21 1.47 -10.42
CA ILE D 203 20.31 1.94 -11.79
C ILE D 203 21.59 2.76 -11.94
N ARG D 204 21.82 3.66 -10.98
CA ARG D 204 22.99 4.54 -10.99
C ARG D 204 24.30 3.76 -10.93
N ARG D 205 24.40 2.84 -9.99
CA ARG D 205 25.57 1.94 -9.84
C ARG D 205 25.95 1.22 -11.13
N ALA D 206 24.95 0.77 -11.90
CA ALA D 206 25.16 -0.12 -13.03
C ALA D 206 25.27 0.56 -14.40
N THR D 207 24.79 1.78 -14.56
CA THR D 207 24.87 2.50 -15.85
C THR D 207 26.16 3.26 -15.93
N SER D 208 26.55 3.62 -17.15
CA SER D 208 27.78 4.41 -17.35
C SER D 208 27.54 5.86 -16.88
N PRO D 209 28.63 6.57 -16.50
CA PRO D 209 28.39 7.94 -15.99
C PRO D 209 27.82 8.94 -17.01
N ASP D 210 27.90 8.59 -18.30
CA ASP D 210 27.24 9.37 -19.34
C ASP D 210 25.72 9.29 -19.28
N PHE D 211 25.18 8.29 -18.61
CA PHE D 211 23.74 8.17 -18.42
C PHE D 211 23.22 9.08 -17.29
N ALA D 212 22.26 9.94 -17.61
CA ALA D 212 21.72 10.89 -16.64
C ALA D 212 20.57 10.28 -15.85
N LEU D 213 20.59 10.47 -14.54
CA LEU D 213 19.50 10.05 -13.68
C LEU D 213 18.95 11.30 -13.04
N TYR D 214 17.70 11.60 -13.37
CA TYR D 214 17.00 12.78 -12.90
C TYR D 214 15.87 12.42 -11.94
N SER D 215 15.74 13.21 -10.85
CA SER D 215 14.55 13.18 -10.04
C SER D 215 13.36 13.64 -10.85
N GLY D 216 12.22 13.01 -10.65
CA GLY D 216 10.95 13.45 -11.26
C GLY D 216 10.03 14.18 -10.33
N ASP D 217 10.60 14.69 -9.25
CA ASP D 217 9.86 15.13 -8.08
C ASP D 217 10.71 16.16 -7.33
N ASP D 218 10.27 17.43 -7.29
CA ASP D 218 11.10 18.52 -6.70
C ASP D 218 11.55 18.21 -5.25
N ALA D 219 10.68 17.56 -4.49
CA ALA D 219 10.96 17.20 -3.10
C ALA D 219 12.02 16.10 -2.94
N LEU D 220 12.27 15.33 -3.99
CA LEU D 220 13.26 14.23 -4.02
C LEU D 220 14.59 14.60 -4.67
N THR D 221 14.70 15.80 -5.26
CA THR D 221 15.92 16.17 -5.94
C THR D 221 17.11 16.00 -5.01
N LEU D 222 17.06 16.59 -3.81
CA LEU D 222 18.21 16.56 -2.92
C LEU D 222 18.64 15.16 -2.45
N PRO D 223 17.72 14.35 -1.92
CA PRO D 223 18.16 12.99 -1.57
C PRO D 223 18.59 12.10 -2.78
N LEU D 224 18.01 12.33 -3.96
CA LEU D 224 18.48 11.61 -5.16
C LEU D 224 19.89 12.06 -5.59
N LEU D 225 20.27 13.31 -5.29
CA LEU D 225 21.66 13.77 -5.53
C LEU D 225 22.63 12.98 -4.70
N SER D 226 22.21 12.57 -3.49
CA SER D 226 23.07 11.80 -2.61
C SER D 226 23.32 10.42 -3.15
N LEU D 227 22.39 9.90 -3.96
CA LEU D 227 22.54 8.62 -4.62
C LEU D 227 22.97 8.77 -6.10
N GLY D 228 23.68 9.85 -6.44
CA GLY D 228 24.38 9.98 -7.73
C GLY D 228 23.57 10.68 -8.81
N GLY D 229 22.42 11.24 -8.43
CA GLY D 229 21.54 11.86 -9.38
C GLY D 229 22.12 13.14 -9.96
N ASN D 230 21.65 13.47 -11.16
CA ASN D 230 22.25 14.55 -11.94
C ASN D 230 21.37 15.77 -12.03
N GLY D 231 20.25 15.75 -11.29
CA GLY D 231 19.34 16.88 -11.27
C GLY D 231 17.89 16.50 -11.25
N VAL D 232 17.09 17.30 -11.94
CA VAL D 232 15.65 17.21 -11.76
C VAL D 232 14.91 17.67 -13.01
N VAL D 233 13.81 16.96 -13.28
CA VAL D 233 12.82 17.41 -14.22
C VAL D 233 11.72 17.98 -13.35
N SER D 234 11.66 19.31 -13.33
CA SER D 234 10.98 20.07 -12.29
C SER D 234 9.73 20.81 -12.78
N VAL D 235 8.76 20.97 -11.87
CA VAL D 235 7.67 21.91 -12.02
C VAL D 235 8.05 23.25 -11.42
N ALA D 236 8.69 23.23 -10.26
CA ALA D 236 9.00 24.46 -9.52
C ALA D 236 10.05 25.37 -10.17
N SER D 237 10.78 24.86 -11.15
CA SER D 237 11.74 25.65 -11.91
C SER D 237 11.10 26.69 -12.83
N HIS D 238 9.77 26.67 -12.99
CA HIS D 238 9.02 27.80 -13.57
C HIS D 238 9.27 29.05 -12.72
N PHE D 239 9.42 28.87 -11.40
CA PHE D 239 9.44 29.96 -10.44
C PHE D 239 10.78 30.15 -9.73
N ILE D 240 11.52 29.07 -9.49
CA ILE D 240 12.79 29.14 -8.77
C ILE D 240 13.93 28.37 -9.42
N GLY D 241 13.95 28.36 -10.72
CA GLY D 241 15.02 27.73 -11.50
C GLY D 241 16.42 28.05 -11.03
N PRO D 242 16.77 29.32 -10.94
CA PRO D 242 18.17 29.64 -10.54
C PRO D 242 18.49 29.12 -9.14
N GLU D 243 17.50 29.05 -8.26
CA GLU D 243 17.70 28.54 -6.88
C GLU D 243 17.85 27.01 -6.88
N ILE D 244 17.13 26.31 -7.75
CA ILE D 244 17.36 24.89 -7.92
C ILE D 244 18.76 24.62 -8.48
N GLN D 245 19.20 25.41 -9.47
CA GLN D 245 20.59 25.32 -9.97
C GLN D 245 21.60 25.49 -8.81
N ARG D 246 21.36 26.49 -7.94
CA ARG D 246 22.26 26.81 -6.83
C ARG D 246 22.35 25.63 -5.84
N MET D 247 21.21 25.02 -5.53
CA MET D 247 21.14 23.84 -4.69
C MET D 247 22.01 22.70 -5.22
N ILE D 248 21.83 22.39 -6.49
CA ILE D 248 22.57 21.30 -7.11
C ILE D 248 24.05 21.63 -7.14
N GLU D 249 24.37 22.87 -7.47
CA GLU D 249 25.75 23.35 -7.50
C GLU D 249 26.46 23.18 -6.12
N HIS D 250 25.77 23.57 -5.04
CA HIS D 250 26.32 23.45 -3.66
C HIS D 250 26.65 22.01 -3.32
N PHE D 251 25.75 21.12 -3.70
CA PHE D 251 25.87 19.69 -3.41
C PHE D 251 26.95 18.98 -4.26
N VAL D 252 26.86 19.14 -5.57
CA VAL D 252 27.69 18.35 -6.50
C VAL D 252 29.06 18.96 -6.72
N ASP D 253 29.11 20.26 -6.91
CA ASP D 253 30.36 20.98 -7.25
C ASP D 253 31.16 21.51 -6.07
N LEU D 254 30.47 22.10 -5.10
CA LEU D 254 31.15 22.90 -4.05
C LEU D 254 31.31 22.19 -2.72
N GLY D 255 30.74 20.98 -2.59
CA GLY D 255 30.86 20.17 -1.37
C GLY D 255 30.20 20.77 -0.14
N ASN D 256 29.02 21.34 -0.34
CA ASN D 256 28.29 22.06 0.73
C ASN D 256 26.87 21.45 0.81
N PRO D 257 26.74 20.20 1.29
CA PRO D 257 25.37 19.67 1.55
C PRO D 257 24.53 20.48 2.54
N GLU D 258 25.17 21.15 3.51
CA GLU D 258 24.44 21.95 4.49
C GLU D 258 23.70 23.06 3.73
N GLU D 259 24.38 23.74 2.82
CA GLU D 259 23.72 24.80 2.02
C GLU D 259 22.68 24.31 1.01
N ALA D 260 22.91 23.13 0.42
CA ALA D 260 21.91 22.51 -0.43
C ALA D 260 20.62 22.29 0.35
N PHE D 261 20.78 21.80 1.59
CA PHE D 261 19.65 21.51 2.44
C PHE D 261 18.94 22.77 2.93
N ARG D 262 19.71 23.82 3.22
CA ARG D 262 19.11 25.11 3.56
C ARG D 262 18.16 25.52 2.45
N ILE D 263 18.54 25.31 1.17
CA ILE D 263 17.66 25.68 0.06
C ILE D 263 16.47 24.77 -0.06
N HIS D 264 16.70 23.47 0.07
CA HIS D 264 15.57 22.53 0.04
C HIS D 264 14.53 22.91 1.08
N CYS D 265 14.99 23.23 2.28
CA CYS D 265 14.13 23.68 3.38
C CYS D 265 13.34 24.94 3.10
N ARG D 266 14.01 25.95 2.52
CA ARG D 266 13.33 27.23 2.12
C ARG D 266 12.12 26.90 1.25
N TYR D 267 12.23 25.92 0.36
CA TYR D 267 11.17 25.65 -0.64
C TYR D 267 10.26 24.45 -0.43
N MET D 268 10.36 23.75 0.70
CA MET D 268 9.48 22.59 0.97
C MET D 268 7.99 22.94 0.95
N ASP D 269 7.61 24.06 1.55
CA ASP D 269 6.21 24.47 1.58
C ASP D 269 5.66 24.72 0.15
N LEU D 270 6.47 25.35 -0.69
CA LEU D 270 6.13 25.56 -2.08
C LEU D 270 6.00 24.25 -2.81
N PHE D 271 6.99 23.34 -2.65
CA PHE D 271 6.88 21.99 -3.23
C PHE D 271 5.61 21.30 -2.78
N GLU D 272 5.25 21.36 -1.48
CA GLU D 272 4.01 20.72 -1.00
C GLU D 272 2.82 21.40 -1.68
N ALA D 273 2.79 22.73 -1.66
CA ALA D 273 1.71 23.51 -2.26
C ALA D 273 1.43 23.21 -3.74
N LEU D 274 2.50 22.96 -4.50
CA LEU D 274 2.37 22.65 -5.91
C LEU D 274 1.72 21.31 -6.21
N PHE D 275 1.55 20.44 -5.19
CA PHE D 275 0.91 19.13 -5.37
C PHE D 275 -0.32 18.86 -4.49
N VAL D 276 -0.80 19.88 -3.77
CA VAL D 276 -2.00 19.74 -2.91
C VAL D 276 -3.26 19.40 -3.73
N MET D 277 -3.26 19.81 -5.01
CA MET D 277 -4.17 19.26 -5.99
C MET D 277 -3.27 18.78 -7.10
N ALA D 278 -3.83 17.99 -7.98
CA ALA D 278 -3.03 17.36 -9.03
C ALA D 278 -2.37 18.35 -9.98
N ASN D 279 -1.10 18.11 -10.24
CA ASN D 279 -0.29 18.91 -11.16
C ASN D 279 -0.94 18.74 -12.54
N PRO D 280 -1.11 19.82 -13.32
CA PRO D 280 -0.61 21.20 -13.09
C PRO D 280 -1.66 22.22 -12.55
N ILE D 281 -2.65 21.77 -11.80
CA ILE D 281 -3.62 22.74 -11.33
C ILE D 281 -2.93 23.85 -10.51
N PRO D 282 -2.07 23.50 -9.52
CA PRO D 282 -1.39 24.56 -8.78
C PRO D 282 -0.36 25.34 -9.56
N ALA D 283 0.42 24.65 -10.35
CA ALA D 283 1.41 25.27 -11.24
C ALA D 283 0.78 26.41 -12.07
N LYS D 284 -0.33 26.11 -12.74
CA LYS D 284 -1.07 27.12 -13.50
C LYS D 284 -1.62 28.24 -12.64
N ALA D 285 -2.16 27.92 -11.49
CA ALA D 285 -2.64 28.98 -10.58
C ALA D 285 -1.51 29.90 -10.12
N ALA D 286 -0.31 29.36 -9.89
CA ALA D 286 0.83 30.17 -9.44
C ALA D 286 1.29 31.12 -10.55
N LEU D 287 1.33 30.59 -11.77
CA LEU D 287 1.70 31.38 -12.93
C LEU D 287 0.69 32.54 -13.13
N ARG D 288 -0.63 32.27 -13.07
CA ARG D 288 -1.67 33.32 -13.14
C ARG D 288 -1.45 34.40 -12.08
N LEU D 289 -1.16 34.01 -10.83
CA LEU D 289 -0.87 34.98 -9.77
C LEU D 289 0.38 35.82 -9.99
N LEU D 290 1.35 35.29 -10.73
CA LEU D 290 2.55 36.05 -11.10
C LEU D 290 2.41 36.93 -12.39
N GLY D 291 1.21 37.01 -12.98
CA GLY D 291 0.98 37.76 -14.22
C GLY D 291 1.22 37.01 -15.55
N TRP D 292 1.40 35.68 -15.48
CA TRP D 292 1.47 34.83 -16.68
C TRP D 292 0.04 34.35 -17.01
N PRO D 293 -0.55 34.82 -18.13
CA PRO D 293 -1.95 34.47 -18.41
C PRO D 293 -2.09 33.10 -19.06
N VAL D 294 -1.80 32.06 -18.29
CA VAL D 294 -1.74 30.70 -18.83
C VAL D 294 -3.09 29.98 -18.91
N GLY D 295 -4.16 30.64 -18.47
CA GLY D 295 -5.51 30.13 -18.63
C GLY D 295 -5.91 29.06 -17.66
N PRO D 296 -7.09 28.47 -17.88
CA PRO D 296 -7.52 27.35 -17.08
C PRO D 296 -6.82 26.03 -17.50
N THR D 297 -7.16 24.95 -16.82
CA THR D 297 -6.85 23.60 -17.31
C THR D 297 -8.07 23.11 -18.05
N ARG D 298 -7.92 22.03 -18.81
CA ARG D 298 -9.04 21.38 -19.51
C ARG D 298 -9.58 20.19 -18.72
N LEU D 299 -10.89 20.01 -18.82
CA LEU D 299 -11.54 18.87 -18.21
C LEU D 299 -10.83 17.56 -18.64
N PRO D 300 -10.62 16.61 -17.72
CA PRO D 300 -11.28 16.56 -16.42
C PRO D 300 -10.60 17.33 -15.27
N LEU D 301 -9.57 18.12 -15.54
CA LEU D 301 -8.98 18.91 -14.48
C LEU D 301 -9.83 20.15 -14.22
N THR D 302 -10.24 20.36 -12.98
CA THR D 302 -11.13 21.47 -12.64
C THR D 302 -10.31 22.58 -12.02
N ASP D 303 -10.94 23.70 -11.72
CA ASP D 303 -10.24 24.86 -11.17
C ASP D 303 -9.73 24.52 -9.75
N ILE D 304 -8.62 25.14 -9.39
CA ILE D 304 -8.08 25.09 -8.05
C ILE D 304 -9.12 25.62 -7.09
N THR D 305 -9.22 25.05 -5.90
CA THR D 305 -10.15 25.52 -4.87
C THR D 305 -9.57 26.75 -4.17
N ALA D 306 -10.46 27.51 -3.52
CA ALA D 306 -10.03 28.69 -2.81
C ALA D 306 -8.99 28.28 -1.74
N SER D 307 -9.24 27.15 -1.08
CA SER D 307 -8.35 26.64 -0.04
C SER D 307 -6.91 26.32 -0.52
N ALA D 308 -6.82 25.64 -1.64
CA ALA D 308 -5.52 25.31 -2.23
C ALA D 308 -4.81 26.56 -2.78
N GLU D 309 -5.58 27.46 -3.40
CA GLU D 309 -5.02 28.72 -3.88
C GLU D 309 -4.44 29.55 -2.72
N GLN D 310 -5.15 29.60 -1.58
CA GLN D 310 -4.63 30.37 -0.40
C GLN D 310 -3.31 29.78 0.10
N GLN D 311 -3.24 28.46 0.26
CA GLN D 311 -2.00 27.77 0.71
C GLN D 311 -0.85 28.02 -0.26
N LEU D 312 -1.16 28.02 -1.55
CA LEU D 312 -0.18 28.29 -2.60
C LEU D 312 0.31 29.73 -2.54
N ARG D 313 -0.65 30.64 -2.46
CA ARG D 313 -0.36 32.07 -2.40
C ARG D 313 0.51 32.39 -1.19
N GLN D 314 0.11 31.88 -0.02
CA GLN D 314 0.90 32.06 1.24
C GLN D 314 2.32 31.51 1.06
N ALA D 315 2.47 30.31 0.52
CA ALA D 315 3.78 29.68 0.36
C ALA D 315 4.69 30.52 -0.54
N MET D 316 4.10 31.03 -1.63
CA MET D 316 4.81 31.93 -2.53
C MET D 316 5.23 33.30 -1.87
N ILE D 317 4.37 33.86 -1.03
CA ILE D 317 4.72 35.10 -0.33
C ILE D 317 5.91 34.84 0.58
N ALA D 318 5.80 33.83 1.45
CA ALA D 318 6.92 33.46 2.36
C ALA D 318 8.22 33.09 1.63
N ALA D 319 8.11 32.53 0.41
CA ALA D 319 9.29 32.24 -0.40
C ALA D 319 9.84 33.47 -1.15
N GLY D 320 9.22 34.63 -0.98
CA GLY D 320 9.67 35.86 -1.63
C GLY D 320 9.37 36.00 -3.11
N LEU D 321 8.32 35.34 -3.59
CA LEU D 321 7.92 35.36 -5.01
C LEU D 321 6.82 36.36 -5.38
N LEU D 322 6.05 36.81 -4.39
CA LEU D 322 4.81 37.58 -4.56
C LEU D 322 4.62 38.61 -3.43
N SER D 323 3.75 39.61 -3.65
CA SER D 323 3.36 40.66 -2.62
C SER D 323 4.54 41.23 -1.87
CA CA E . -4.06 -12.15 26.03
N LYS F . 2.52 -6.25 26.48
CA LYS F . 3.19 -7.52 26.09
C LYS F . 2.69 -8.09 24.74
O LYS F . 1.60 -7.72 24.18
CB LYS F . 3.09 -8.60 27.20
CG LYS F . 1.68 -8.81 27.74
CD LYS F . 1.48 -10.25 28.17
CE LYS F . 0.27 -10.44 29.07
NZ LYS F . -0.95 -9.77 28.57
OXT LYS F . 3.41 -8.96 24.20
CA CA G . 13.79 -4.71 24.96
N LYS H . 7.09 -10.71 24.48
CA LYS H . 6.47 -9.44 25.01
C LYS H . 6.53 -8.26 23.98
O LYS H . 7.23 -8.27 22.95
CB LYS H . 7.13 -9.02 26.35
CG LYS H . 8.66 -9.03 26.34
CD LYS H . 9.21 -8.24 27.51
CE LYS H . 10.74 -8.21 27.60
NZ LYS H . 11.49 -8.41 26.33
OXT LYS H . 5.86 -7.24 24.16
CA CA I . -12.35 2.26 -25.91
N LYS J . -3.58 5.88 -26.44
CA LYS J . -4.90 6.56 -26.37
C LYS J . -5.61 6.12 -25.08
O LYS J . -5.24 5.12 -24.48
CB LYS J . -5.74 6.25 -27.60
CG LYS J . -6.96 7.12 -27.81
CD LYS J . -8.05 6.39 -28.58
CE LYS J . -8.94 5.55 -27.68
NZ LYS J . -9.70 4.50 -28.41
OXT LYS J . -6.55 6.75 -24.59
CA CA K . 2.65 14.59 -25.05
N LYS L . -5.82 11.03 -24.10
CA LYS L . -4.84 10.08 -24.69
C LYS L . -3.61 9.83 -23.78
O LYS L . -3.33 10.46 -22.74
CB LYS L . -4.39 10.60 -26.08
CG LYS L . -3.24 11.62 -26.04
CD LYS L . -3.11 12.38 -27.36
CE LYS L . -1.71 12.97 -27.56
NZ LYS L . -1.35 14.03 -26.58
OXT LYS L . -2.83 8.93 -24.11
#